data_8QF1
#
_entry.id   8QF1
#
_cell.length_a   46.628
_cell.length_b   71.590
_cell.length_c   102.101
_cell.angle_alpha   90.000
_cell.angle_beta   92.090
_cell.angle_gamma   90.000
#
_symmetry.space_group_name_H-M   'P 1 21 1'
#
loop_
_entity.id
_entity.type
_entity.pdbx_description
1 polymer "Casein kinase II subunit alpha'"
2 non-polymer 'PHOSPHOAMINOPHOSPHONIC ACID-GUANYLATE ESTER'
3 non-polymer 'MAGNESIUM ION'
4 water water
#
_entity_poly.entity_id   1
_entity_poly.type   'polypeptide(L)'
_entity_poly.pdbx_seq_one_letter_code
;MGSSHHHHHHSQDPMPGPAAGSRARVYAEVNSLRSREYWDYEAHVPSWGNQDDYQLVRKLGRGKYSEVFEAINITNNERV
VVKILKPVKKKKIKREVKILENLRGGTNIIKLIDTVKDPVSKTPALVFEYINNTDFKQLYQILTDFDIRFYMYELLKALD
YCHSKGIMHRDVKPHNVMIDHQQKKLRLIDWGLAEFYHPAQEYNVRVASRYFKGPELLVDYQMYDYSLDMWSLGCMLASM
IFRREPFFHGQDNYDQLVRIAKVLGTEELYGYLKKYHIDLDPHFNDILGQHSRKRWENFIHSENRHLVSPEALDLLDKLL
RYDHQQRLTAKEAMEHPYFYPVVKEQSQPSADNAVLSSGLTAAR
;
_entity_poly.pdbx_strand_id   A,B
#
# COMPACT_ATOMS: atom_id res chain seq x y z
N GLY A 21 22.77 18.12 -8.82
CA GLY A 21 21.78 18.79 -8.01
C GLY A 21 20.82 19.64 -8.83
N SER A 22 20.01 20.44 -8.14
CA SER A 22 18.95 21.20 -8.79
C SER A 22 18.44 22.26 -7.81
N ARG A 23 18.00 23.38 -8.38
CA ARG A 23 17.44 24.45 -7.56
C ARG A 23 16.25 25.08 -8.27
N ALA A 24 15.31 25.59 -7.48
CA ALA A 24 14.19 26.32 -8.04
C ALA A 24 14.68 27.51 -8.86
N ARG A 25 14.00 27.76 -9.99
CA ARG A 25 14.32 28.91 -10.81
C ARG A 25 13.77 30.21 -10.25
N VAL A 26 12.78 30.14 -9.36
CA VAL A 26 12.18 31.31 -8.74
C VAL A 26 12.05 31.06 -7.24
N TYR A 27 12.12 32.15 -6.48
CA TYR A 27 11.86 32.12 -5.04
C TYR A 27 12.79 31.17 -4.30
N ALA A 28 13.98 30.91 -4.84
CA ALA A 28 14.84 29.89 -4.24
C ALA A 28 15.31 30.30 -2.85
N GLU A 29 15.67 31.56 -2.67
CA GLU A 29 16.34 32.01 -1.46
C GLU A 29 15.41 32.67 -0.46
N VAL A 30 14.12 32.74 -0.75
CA VAL A 30 13.23 33.63 0.01
C VAL A 30 13.19 33.23 1.48
N ASN A 31 13.24 31.94 1.80
CA ASN A 31 13.16 31.55 3.20
C ASN A 31 14.40 31.96 3.98
N SER A 32 15.58 31.86 3.36
CA SER A 32 16.79 32.29 4.04
C SER A 32 16.82 33.79 4.27
N LEU A 33 16.06 34.55 3.48
CA LEU A 33 16.01 35.99 3.65
C LEU A 33 15.01 36.43 4.72
N ARG A 34 14.21 35.50 5.24
CA ARG A 34 13.24 35.79 6.29
C ARG A 34 13.81 35.41 7.65
N SER A 35 13.15 35.88 8.68
CA SER A 35 13.47 35.49 10.05
C SER A 35 13.35 33.98 10.19
N ARG A 36 14.23 33.40 11.02
CA ARG A 36 14.21 31.96 11.22
C ARG A 36 12.85 31.50 11.75
N GLU A 37 12.20 32.31 12.59
CA GLU A 37 10.92 31.89 13.14
C GLU A 37 9.89 31.64 12.05
N TYR A 38 10.07 32.24 10.87
CA TYR A 38 9.14 32.05 9.77
C TYR A 38 9.09 30.59 9.33
N TRP A 39 10.26 29.96 9.17
CA TRP A 39 10.32 28.62 8.61
C TRP A 39 10.66 27.53 9.61
N ASP A 40 11.08 27.88 10.83
CA ASP A 40 11.44 26.92 11.86
C ASP A 40 10.16 26.49 12.58
N TYR A 41 9.38 25.65 11.88
CA TYR A 41 8.05 25.30 12.37
C TYR A 41 8.10 24.41 13.61
N GLU A 42 9.17 23.63 13.77
CA GLU A 42 9.29 22.81 14.97
C GLU A 42 9.28 23.66 16.23
N ALA A 43 9.71 24.93 16.12
CA ALA A 43 9.71 25.83 17.27
C ALA A 43 8.37 26.50 17.47
N HIS A 44 7.46 26.40 16.51
CA HIS A 44 6.15 27.04 16.64
C HIS A 44 5.34 26.36 17.74
N VAL A 45 4.55 27.15 18.44
CA VAL A 45 3.80 26.64 19.58
C VAL A 45 2.33 27.03 19.45
N PRO A 46 1.48 26.16 18.89
CA PRO A 46 0.06 26.48 18.78
C PRO A 46 -0.55 26.72 20.16
N SER A 47 -1.61 27.51 20.17
CA SER A 47 -2.45 27.73 21.35
C SER A 47 -3.76 27.00 21.10
N TRP A 48 -4.02 25.96 21.89
CA TRP A 48 -5.13 25.06 21.63
C TRP A 48 -6.36 25.50 22.42
N GLY A 49 -7.39 25.97 21.70
CA GLY A 49 -8.63 26.37 22.32
C GLY A 49 -9.55 25.19 22.58
N ASN A 50 -10.78 25.52 22.98
CA ASN A 50 -11.78 24.52 23.35
C ASN A 50 -12.70 24.28 22.17
N GLN A 51 -12.78 23.03 21.72
CA GLN A 51 -13.63 22.72 20.58
C GLN A 51 -15.11 22.75 20.92
N ASP A 52 -15.48 22.75 22.20
CA ASP A 52 -16.87 22.89 22.59
C ASP A 52 -17.45 24.24 22.17
N ASP A 53 -16.62 25.19 21.76
CA ASP A 53 -17.17 26.39 21.13
C ASP A 53 -17.72 26.12 19.75
N TYR A 54 -17.60 24.89 19.24
CA TYR A 54 -17.94 24.57 17.87
C TYR A 54 -18.96 23.44 17.84
N GLN A 55 -20.05 23.69 17.15
CA GLN A 55 -21.14 22.73 16.96
C GLN A 55 -20.96 22.08 15.61
N LEU A 56 -20.85 20.75 15.59
CA LEU A 56 -20.56 20.00 14.37
C LEU A 56 -21.87 19.53 13.75
N VAL A 57 -22.25 20.13 12.64
CA VAL A 57 -23.59 20.02 12.10
C VAL A 57 -23.69 19.00 10.98
N ARG A 58 -22.65 18.85 10.17
CA ARG A 58 -22.75 18.08 8.95
C ARG A 58 -21.36 17.61 8.55
N LYS A 59 -21.27 16.35 8.14
CA LYS A 59 -20.02 15.79 7.61
C LYS A 59 -19.88 16.27 6.17
N LEU A 60 -18.88 17.12 5.93
CA LEU A 60 -18.66 17.68 4.60
C LEU A 60 -17.74 16.80 3.76
N GLY A 61 -16.84 16.07 4.40
CA GLY A 61 -15.93 15.21 3.66
C GLY A 61 -14.97 14.53 4.62
N ARG A 62 -13.94 13.93 4.03
CA ARG A 62 -12.94 13.21 4.79
C ARG A 62 -11.71 13.03 3.91
N GLY A 63 -10.57 12.82 4.56
CA GLY A 63 -9.35 12.54 3.85
C GLY A 63 -8.51 11.51 4.59
N LYS A 64 -7.29 11.27 4.09
CA LYS A 64 -6.40 10.33 4.73
C LYS A 64 -5.99 10.77 6.14
N TYR A 65 -6.22 12.03 6.49
CA TYR A 65 -5.72 12.55 7.76
C TYR A 65 -6.79 13.22 8.62
N SER A 66 -8.05 13.19 8.23
CA SER A 66 -9.04 13.95 9.00
C SER A 66 -10.44 13.61 8.54
N GLU A 67 -11.40 13.89 9.42
CA GLU A 67 -12.82 13.96 9.12
C GLU A 67 -13.24 15.42 9.24
N VAL A 68 -14.03 15.89 8.28
CA VAL A 68 -14.29 17.32 8.10
C VAL A 68 -15.78 17.59 8.29
N PHE A 69 -16.09 18.59 9.11
CA PHE A 69 -17.46 18.95 9.43
C PHE A 69 -17.71 20.42 9.14
N GLU A 70 -18.86 20.70 8.55
CA GLU A 70 -19.46 22.02 8.67
C GLU A 70 -19.82 22.23 10.14
N ALA A 71 -19.47 23.39 10.69
CA ALA A 71 -19.70 23.67 12.09
C ALA A 71 -20.20 25.09 12.23
N ILE A 72 -20.73 25.40 13.41
CA ILE A 72 -21.11 26.75 13.79
C ILE A 72 -20.35 27.10 15.06
N ASN A 73 -19.67 28.24 15.06
CA ASN A 73 -19.08 28.78 16.28
C ASN A 73 -20.20 29.30 17.15
N ILE A 74 -20.40 28.68 18.32
CA ILE A 74 -21.57 28.99 19.13
C ILE A 74 -21.49 30.34 19.81
N THR A 75 -20.31 30.96 19.84
CA THR A 75 -20.17 32.25 20.48
C THR A 75 -20.52 33.40 19.54
N ASN A 76 -20.38 33.21 18.22
CA ASN A 76 -20.70 34.25 17.26
C ASN A 76 -21.61 33.77 16.12
N ASN A 77 -21.99 32.50 16.11
CA ASN A 77 -22.92 31.95 15.11
C ASN A 77 -22.36 32.02 13.69
N GLU A 78 -21.03 31.95 13.56
CA GLU A 78 -20.37 31.93 12.26
C GLU A 78 -20.20 30.49 11.79
N ARG A 79 -20.53 30.26 10.51
CA ARG A 79 -20.34 28.96 9.88
C ARG A 79 -18.86 28.79 9.53
N VAL A 80 -18.29 27.65 9.89
CA VAL A 80 -16.89 27.34 9.69
C VAL A 80 -16.76 25.87 9.34
N VAL A 81 -15.52 25.43 9.13
CA VAL A 81 -15.19 24.04 8.86
C VAL A 81 -14.21 23.58 9.94
N VAL A 82 -14.49 22.42 10.52
CA VAL A 82 -13.65 21.83 11.56
C VAL A 82 -13.07 20.53 11.02
N LYS A 83 -11.76 20.50 10.84
CA LYS A 83 -11.04 19.32 10.40
C LYS A 83 -10.44 18.67 11.63
N ILE A 84 -10.98 17.50 12.01
CA ILE A 84 -10.46 16.75 13.14
C ILE A 84 -9.29 15.92 12.64
N LEU A 85 -8.13 16.10 13.25
CA LEU A 85 -6.90 15.49 12.77
C LEU A 85 -6.79 14.08 13.33
N LYS A 86 -6.78 13.09 12.44
CA LYS A 86 -6.49 11.73 12.86
C LYS A 86 -5.13 11.70 13.56
N PRO A 87 -4.93 10.78 14.51
CA PRO A 87 -3.66 10.76 15.26
C PRO A 87 -2.45 10.97 14.36
N VAL A 88 -1.48 11.78 14.81
CA VAL A 88 -0.28 12.03 14.03
C VAL A 88 0.71 12.79 14.88
N LYS A 89 1.98 12.76 14.49
CA LYS A 89 3.04 13.36 15.28
C LYS A 89 2.86 14.87 15.38
N LYS A 90 3.30 15.42 16.51
CA LYS A 90 3.11 16.85 16.75
C LYS A 90 3.91 17.70 15.77
N LYS A 91 5.06 17.21 15.30
CA LYS A 91 5.86 17.96 14.33
C LYS A 91 5.05 18.22 13.07
N LYS A 92 4.25 17.24 12.65
CA LYS A 92 3.45 17.41 11.43
C LYS A 92 2.34 18.43 11.65
N ILE A 93 1.74 18.45 12.84
CA ILE A 93 0.71 19.45 13.14
C ILE A 93 1.33 20.84 13.16
N LYS A 94 2.46 20.99 13.85
CA LYS A 94 3.14 22.28 13.86
C LYS A 94 3.43 22.77 12.45
N ARG A 95 3.86 21.87 11.56
CA ARG A 95 4.16 22.26 10.19
C ARG A 95 2.93 22.80 9.48
N GLU A 96 1.82 22.05 9.53
CA GLU A 96 0.61 22.48 8.85
C GLU A 96 0.10 23.80 9.43
N VAL A 97 0.14 23.94 10.76
CA VAL A 97 -0.37 25.15 11.39
C VAL A 97 0.49 26.36 11.02
N LYS A 98 1.81 26.23 11.13
CA LYS A 98 2.68 27.35 10.83
C LYS A 98 2.55 27.78 9.37
N ILE A 99 2.46 26.81 8.47
CA ILE A 99 2.29 27.12 7.05
C ILE A 99 1.00 27.90 6.83
N LEU A 100 -0.11 27.41 7.39
CA LEU A 100 -1.38 28.13 7.29
C LEU A 100 -1.28 29.54 7.83
N GLU A 101 -0.62 29.70 8.97
CA GLU A 101 -0.47 31.05 9.52
C GLU A 101 0.36 31.93 8.61
N ASN A 102 1.44 31.39 8.04
CA ASN A 102 2.26 32.16 7.13
C ASN A 102 1.50 32.58 5.89
N LEU A 103 0.58 31.75 5.43
CA LEU A 103 -0.15 32.00 4.19
C LEU A 103 -1.48 32.70 4.43
N ARG A 104 -1.83 33.03 5.66
N ARG A 104 -1.83 33.01 5.67
CA ARG A 104 -3.13 33.61 5.95
CA ARG A 104 -3.12 33.63 5.95
C ARG A 104 -3.27 34.97 5.25
C ARG A 104 -3.22 34.93 5.17
N GLY A 105 -4.36 35.14 4.51
CA GLY A 105 -4.58 36.31 3.71
C GLY A 105 -4.07 36.20 2.29
N GLY A 106 -3.35 35.14 1.96
CA GLY A 106 -2.92 34.94 0.58
C GLY A 106 -4.10 34.70 -0.34
N THR A 107 -3.95 35.12 -1.58
CA THR A 107 -5.03 35.03 -2.56
C THR A 107 -5.44 33.57 -2.75
N ASN A 108 -6.69 33.26 -2.43
CA ASN A 108 -7.34 31.99 -2.70
C ASN A 108 -6.77 30.85 -1.87
N ILE A 109 -6.10 31.17 -0.78
CA ILE A 109 -5.61 30.19 0.18
C ILE A 109 -6.61 30.12 1.32
N ILE A 110 -7.00 28.91 1.71
CA ILE A 110 -7.99 28.75 2.77
C ILE A 110 -7.47 29.38 4.04
N LYS A 111 -8.36 30.04 4.78
CA LYS A 111 -7.99 30.78 5.98
C LYS A 111 -8.15 29.90 7.21
N LEU A 112 -7.07 29.76 7.98
CA LEU A 112 -7.12 29.11 9.28
C LEU A 112 -7.65 30.09 10.31
N ILE A 113 -8.73 29.70 11.00
CA ILE A 113 -9.40 30.57 11.95
C ILE A 113 -9.00 30.26 13.39
N ASP A 114 -8.77 28.99 13.71
CA ASP A 114 -8.54 28.60 15.10
C ASP A 114 -7.90 27.21 15.13
N THR A 115 -7.25 26.93 16.26
CA THR A 115 -6.71 25.61 16.55
C THR A 115 -7.28 25.20 17.91
N VAL A 116 -8.02 24.09 17.92
CA VAL A 116 -8.78 23.70 19.10
C VAL A 116 -8.58 22.22 19.40
N LYS A 117 -8.93 21.83 20.62
CA LYS A 117 -8.91 20.44 21.05
C LYS A 117 -10.24 20.12 21.71
N ASP A 118 -10.72 18.90 21.54
CA ASP A 118 -11.86 18.46 22.32
C ASP A 118 -11.44 18.39 23.79
N PRO A 119 -12.19 18.99 24.71
CA PRO A 119 -11.72 19.04 26.11
C PRO A 119 -11.60 17.67 26.76
N VAL A 120 -12.22 16.63 26.21
CA VAL A 120 -12.23 15.32 26.84
C VAL A 120 -11.19 14.43 26.17
N SER A 121 -11.37 14.19 24.87
CA SER A 121 -10.45 13.33 24.13
C SER A 121 -9.11 13.97 23.90
N LYS A 122 -9.03 15.31 23.92
CA LYS A 122 -7.82 16.08 23.66
C LYS A 122 -7.39 16.02 22.20
N THR A 123 -8.21 15.44 21.33
CA THR A 123 -7.85 15.33 19.93
C THR A 123 -7.76 16.72 19.30
N PRO A 124 -6.69 17.04 18.57
CA PRO A 124 -6.57 18.37 17.98
C PRO A 124 -7.40 18.49 16.71
N ALA A 125 -7.75 19.74 16.40
CA ALA A 125 -8.59 20.03 15.25
C ALA A 125 -8.27 21.44 14.77
N LEU A 126 -8.39 21.63 13.46
CA LEU A 126 -8.16 22.92 12.82
C LEU A 126 -9.49 23.49 12.36
N VAL A 127 -9.70 24.77 12.60
CA VAL A 127 -10.92 25.46 12.24
C VAL A 127 -10.62 26.37 11.06
N PHE A 128 -11.35 26.21 9.97
CA PHE A 128 -11.13 26.97 8.76
C PHE A 128 -12.39 27.74 8.37
N GLU A 129 -12.20 28.77 7.55
CA GLU A 129 -13.33 29.41 6.89
C GLU A 129 -14.07 28.38 6.03
N TYR A 130 -15.36 28.61 5.84
CA TYR A 130 -16.22 27.70 5.11
C TYR A 130 -16.37 28.15 3.66
N ILE A 131 -16.30 27.18 2.75
N ILE A 131 -16.33 27.18 2.74
CA ILE A 131 -16.54 27.40 1.32
CA ILE A 131 -16.55 27.46 1.32
C ILE A 131 -17.58 26.40 0.88
C ILE A 131 -17.49 26.42 0.74
N ASN A 132 -18.54 26.87 0.08
CA ASN A 132 -19.63 26.01 -0.41
C ASN A 132 -19.21 25.35 -1.71
N ASN A 133 -18.49 24.23 -1.57
CA ASN A 133 -17.87 23.58 -2.71
C ASN A 133 -18.88 22.73 -3.48
N THR A 134 -18.67 22.68 -4.79
CA THR A 134 -19.38 21.76 -5.67
C THR A 134 -18.42 20.62 -6.00
N ASP A 135 -18.86 19.38 -5.77
CA ASP A 135 -17.97 18.24 -5.99
C ASP A 135 -17.48 18.23 -7.44
N PHE A 136 -16.17 18.00 -7.61
CA PHE A 136 -15.56 18.20 -8.92
C PHE A 136 -16.11 17.25 -9.98
N LYS A 137 -16.44 16.01 -9.59
CA LYS A 137 -17.00 15.08 -10.56
C LYS A 137 -18.23 15.67 -11.23
N GLN A 138 -19.11 16.32 -10.45
CA GLN A 138 -20.28 16.95 -11.04
C GLN A 138 -19.95 18.30 -11.66
N LEU A 139 -19.10 19.08 -11.00
CA LEU A 139 -18.76 20.41 -11.53
C LEU A 139 -18.02 20.30 -12.86
N TYR A 140 -17.03 19.41 -12.96
CA TYR A 140 -16.15 19.44 -14.12
C TYR A 140 -16.89 19.14 -15.42
N GLN A 141 -18.03 18.44 -15.36
CA GLN A 141 -18.78 18.09 -16.56
C GLN A 141 -19.67 19.21 -17.07
N ILE A 142 -19.79 20.31 -16.33
CA ILE A 142 -20.55 21.47 -16.79
C ILE A 142 -19.69 22.70 -17.01
N LEU A 143 -18.38 22.60 -16.79
CA LEU A 143 -17.51 23.74 -17.06
C LEU A 143 -17.42 24.00 -18.56
N THR A 144 -17.31 25.28 -18.90
CA THR A 144 -17.02 25.71 -20.26
C THR A 144 -15.52 26.02 -20.36
N ASP A 145 -15.06 26.21 -21.60
CA ASP A 145 -13.69 26.67 -21.85
C ASP A 145 -13.37 27.88 -20.97
N PHE A 146 -14.25 28.89 -20.98
CA PHE A 146 -14.00 30.08 -20.19
C PHE A 146 -13.90 29.75 -18.70
N ASP A 147 -14.77 28.84 -18.22
CA ASP A 147 -14.73 28.48 -16.79
C ASP A 147 -13.41 27.85 -16.42
N ILE A 148 -12.90 26.97 -17.27
CA ILE A 148 -11.63 26.30 -16.98
C ILE A 148 -10.50 27.33 -16.88
N ARG A 149 -10.42 28.23 -17.86
CA ARG A 149 -9.45 29.30 -17.79
C ARG A 149 -9.58 30.08 -16.49
N PHE A 150 -10.83 30.44 -16.13
CA PHE A 150 -11.06 31.25 -14.94
C PHE A 150 -10.54 30.56 -13.68
N TYR A 151 -10.94 29.29 -13.48
CA TYR A 151 -10.57 28.59 -12.26
C TYR A 151 -9.09 28.21 -12.22
N MET A 152 -8.52 27.86 -13.37
CA MET A 152 -7.08 27.57 -13.41
C MET A 152 -6.28 28.81 -13.06
N TYR A 153 -6.71 29.97 -13.54
CA TYR A 153 -6.07 31.23 -13.20
C TYR A 153 -6.17 31.51 -11.71
N GLU A 154 -7.35 31.27 -11.12
CA GLU A 154 -7.50 31.48 -9.69
C GLU A 154 -6.60 30.53 -8.90
N LEU A 155 -6.50 29.27 -9.33
CA LEU A 155 -5.62 28.32 -8.65
C LEU A 155 -4.16 28.74 -8.79
N LEU A 156 -3.78 29.28 -9.95
CA LEU A 156 -2.43 29.75 -10.14
C LEU A 156 -2.09 30.89 -9.19
N LYS A 157 -3.05 31.80 -8.95
CA LYS A 157 -2.82 32.86 -7.98
C LYS A 157 -2.43 32.28 -6.63
N ALA A 158 -3.10 31.19 -6.21
CA ALA A 158 -2.80 30.59 -4.93
C ALA A 158 -1.41 29.98 -4.92
N LEU A 159 -1.03 29.30 -6.00
CA LEU A 159 0.26 28.63 -6.05
C LEU A 159 1.41 29.62 -6.14
N ASP A 160 1.29 30.64 -7.00
CA ASP A 160 2.32 31.67 -7.02
C ASP A 160 2.45 32.31 -5.64
N TYR A 161 1.33 32.51 -4.95
CA TYR A 161 1.42 33.10 -3.61
C TYR A 161 2.22 32.21 -2.67
N CYS A 162 1.84 30.93 -2.56
CA CYS A 162 2.55 30.08 -1.59
C CYS A 162 4.00 29.86 -2.00
N HIS A 163 4.26 29.72 -3.30
CA HIS A 163 5.64 29.60 -3.75
C HIS A 163 6.45 30.84 -3.39
N SER A 164 5.87 32.03 -3.60
CA SER A 164 6.53 33.27 -3.22
C SER A 164 6.73 33.36 -1.72
N LYS A 165 5.94 32.62 -0.94
CA LYS A 165 6.10 32.52 0.51
C LYS A 165 6.97 31.34 0.91
N GLY A 166 7.69 30.75 -0.03
CA GLY A 166 8.64 29.69 0.27
C GLY A 166 8.03 28.35 0.60
N ILE A 167 6.84 28.04 0.07
CA ILE A 167 6.10 26.86 0.46
C ILE A 167 5.65 26.10 -0.78
N MET A 168 5.91 24.80 -0.78
CA MET A 168 5.38 23.87 -1.77
C MET A 168 4.15 23.20 -1.18
N HIS A 169 3.07 23.13 -1.97
CA HIS A 169 1.86 22.52 -1.47
C HIS A 169 1.99 20.99 -1.42
N ARG A 170 2.42 20.38 -2.54
CA ARG A 170 2.79 18.96 -2.61
C ARG A 170 1.59 18.02 -2.63
N ASP A 171 0.37 18.55 -2.73
CA ASP A 171 -0.81 17.69 -2.80
C ASP A 171 -1.90 18.37 -3.60
N VAL A 172 -1.52 19.01 -4.71
CA VAL A 172 -2.47 19.65 -5.61
C VAL A 172 -3.23 18.57 -6.37
N LYS A 173 -4.55 18.62 -6.27
CA LYS A 173 -5.45 17.68 -6.92
C LYS A 173 -6.88 18.19 -6.74
N PRO A 174 -7.82 17.73 -7.56
CA PRO A 174 -9.19 18.29 -7.48
C PRO A 174 -9.81 18.23 -6.09
N HIS A 175 -9.53 17.18 -5.30
CA HIS A 175 -10.12 17.06 -3.97
C HIS A 175 -9.63 18.13 -3.01
N ASN A 176 -8.53 18.80 -3.34
CA ASN A 176 -7.94 19.84 -2.51
C ASN A 176 -8.16 21.23 -3.07
N VAL A 177 -9.01 21.37 -4.08
CA VAL A 177 -9.38 22.66 -4.64
C VAL A 177 -10.88 22.82 -4.48
N MET A 178 -11.30 23.69 -3.57
CA MET A 178 -12.72 23.95 -3.34
C MET A 178 -13.18 25.05 -4.28
N ILE A 179 -14.31 24.84 -4.94
CA ILE A 179 -14.87 25.81 -5.88
C ILE A 179 -16.35 26.00 -5.54
N ASP A 180 -16.73 27.24 -5.30
CA ASP A 180 -18.13 27.66 -5.21
C ASP A 180 -18.47 28.21 -6.59
N HIS A 181 -19.17 27.41 -7.40
CA HIS A 181 -19.38 27.75 -8.80
C HIS A 181 -20.40 28.87 -8.96
N GLN A 182 -21.30 29.04 -7.99
CA GLN A 182 -22.30 30.09 -8.08
C GLN A 182 -21.72 31.46 -7.78
N GLN A 183 -20.74 31.53 -6.87
CA GLN A 183 -20.09 32.78 -6.51
C GLN A 183 -18.71 32.93 -7.15
N LYS A 184 -18.32 31.98 -8.00
CA LYS A 184 -17.04 32.03 -8.73
C LYS A 184 -15.85 32.22 -7.78
N LYS A 185 -15.75 31.31 -6.81
CA LYS A 185 -14.84 31.45 -5.68
C LYS A 185 -14.08 30.14 -5.53
N LEU A 186 -12.75 30.25 -5.38
CA LEU A 186 -11.88 29.09 -5.29
C LEU A 186 -10.95 29.22 -4.09
N ARG A 187 -10.75 28.09 -3.39
CA ARG A 187 -9.78 28.03 -2.30
C ARG A 187 -8.95 26.75 -2.42
N LEU A 188 -7.63 26.91 -2.34
CA LEU A 188 -6.71 25.77 -2.24
C LEU A 188 -6.64 25.35 -0.78
N ILE A 189 -7.04 24.11 -0.50
CA ILE A 189 -7.11 23.64 0.88
C ILE A 189 -6.10 22.52 1.12
N ASP A 190 -6.11 22.00 2.34
CA ASP A 190 -5.34 20.82 2.74
C ASP A 190 -3.85 20.98 2.58
N TRP A 191 -3.26 21.73 3.51
CA TRP A 191 -1.84 22.03 3.54
C TRP A 191 -1.05 21.06 4.42
N GLY A 192 -1.60 19.87 4.64
CA GLY A 192 -0.98 18.91 5.56
C GLY A 192 0.26 18.24 5.01
N LEU A 193 0.46 18.26 3.70
CA LEU A 193 1.68 17.76 3.10
C LEU A 193 2.65 18.86 2.69
N ALA A 194 2.27 20.11 2.88
CA ALA A 194 3.08 21.23 2.43
C ALA A 194 4.39 21.30 3.20
N GLU A 195 5.44 21.78 2.54
N GLU A 195 5.40 21.92 2.58
CA GLU A 195 6.72 21.99 3.19
CA GLU A 195 6.74 21.97 3.15
C GLU A 195 7.27 23.35 2.83
C GLU A 195 7.50 23.18 2.64
N PHE A 196 8.37 23.70 3.50
CA PHE A 196 9.15 24.89 3.18
C PHE A 196 10.26 24.49 2.21
N TYR A 197 10.47 25.30 1.18
CA TYR A 197 11.52 25.05 0.20
C TYR A 197 12.83 25.69 0.65
N HIS A 198 13.88 24.87 0.77
CA HIS A 198 15.23 25.32 1.07
C HIS A 198 16.16 24.75 0.00
N PRO A 199 16.97 25.57 -0.66
CA PRO A 199 17.83 25.04 -1.73
C PRO A 199 18.72 23.91 -1.24
N ALA A 200 18.86 22.90 -2.09
CA ALA A 200 19.70 21.73 -1.88
C ALA A 200 19.04 20.72 -0.95
N GLN A 201 17.92 21.05 -0.30
CA GLN A 201 17.32 20.13 0.65
C GLN A 201 16.70 18.95 -0.08
N GLU A 202 16.87 17.76 0.49
CA GLU A 202 16.31 16.52 -0.05
C GLU A 202 15.01 16.22 0.69
N TYR A 203 13.94 16.06 -0.08
CA TYR A 203 12.59 15.91 0.44
C TYR A 203 12.11 14.48 0.25
N ASN A 204 11.08 14.14 1.03
CA ASN A 204 10.45 12.84 0.91
C ASN A 204 9.67 12.78 -0.40
N VAL A 205 9.89 11.71 -1.17
CA VAL A 205 9.16 11.53 -2.43
C VAL A 205 7.77 10.95 -2.22
N ARG A 206 7.46 10.48 -1.02
CA ARG A 206 6.13 9.92 -0.72
C ARG A 206 5.18 11.06 -0.36
N VAL A 207 4.91 11.90 -1.36
CA VAL A 207 3.95 12.99 -1.26
C VAL A 207 3.07 12.96 -2.51
N ALA A 208 1.97 13.73 -2.45
CA ALA A 208 1.04 13.87 -3.56
C ALA A 208 0.25 12.58 -3.76
N SER A 209 -0.88 12.68 -4.45
CA SER A 209 -1.67 11.51 -4.82
C SER A 209 -1.09 10.89 -6.09
N ARG A 210 -1.25 9.57 -6.21
CA ARG A 210 -0.59 8.84 -7.29
C ARG A 210 -0.74 9.54 -8.63
N TYR A 211 -1.98 9.86 -9.02
CA TYR A 211 -2.25 10.37 -10.36
C TYR A 211 -1.63 11.74 -10.60
N PHE A 212 -1.23 12.44 -9.54
CA PHE A 212 -0.72 13.80 -9.61
C PHE A 212 0.74 13.89 -9.23
N LYS A 213 1.41 12.74 -9.04
CA LYS A 213 2.82 12.72 -8.69
C LYS A 213 3.66 13.06 -9.92
N GLY A 214 4.57 14.01 -9.77
CA GLY A 214 5.49 14.34 -10.82
C GLY A 214 6.51 13.23 -11.05
N PRO A 215 7.07 13.17 -12.27
CA PRO A 215 8.09 12.14 -12.53
C PRO A 215 9.25 12.17 -11.55
N GLU A 216 9.63 13.35 -11.04
CA GLU A 216 10.69 13.41 -10.05
C GLU A 216 10.40 12.49 -8.85
N LEU A 217 9.13 12.43 -8.43
CA LEU A 217 8.79 11.58 -7.30
C LEU A 217 8.85 10.11 -7.68
N LEU A 218 8.40 9.77 -8.89
CA LEU A 218 8.32 8.39 -9.31
C LEU A 218 9.68 7.78 -9.63
N VAL A 219 10.70 8.61 -9.86
CA VAL A 219 12.07 8.12 -10.06
C VAL A 219 12.93 8.38 -8.83
N ASP A 220 12.34 8.80 -7.72
CA ASP A 220 13.00 8.94 -6.42
C ASP A 220 14.02 10.09 -6.39
N TYR A 221 13.77 11.16 -7.14
CA TYR A 221 14.64 12.33 -7.12
C TYR A 221 14.17 13.29 -6.02
N GLN A 222 15.00 13.48 -5.00
CA GLN A 222 14.57 14.15 -3.78
C GLN A 222 14.79 15.65 -3.78
N MET A 223 15.61 16.18 -4.68
CA MET A 223 15.96 17.61 -4.67
C MET A 223 14.97 18.41 -5.53
N TYR A 224 13.67 18.23 -5.26
CA TYR A 224 12.62 18.87 -6.04
C TYR A 224 12.24 20.21 -5.39
N ASP A 225 11.28 20.91 -6.01
CA ASP A 225 10.95 22.27 -5.59
C ASP A 225 9.52 22.59 -5.97
N TYR A 226 9.19 23.89 -5.99
CA TYR A 226 7.82 24.33 -6.24
C TYR A 226 7.28 23.77 -7.55
N SER A 227 8.17 23.46 -8.50
CA SER A 227 7.73 22.97 -9.81
C SER A 227 6.97 21.67 -9.71
N LEU A 228 7.09 20.96 -8.59
CA LEU A 228 6.27 19.77 -8.38
C LEU A 228 4.79 20.11 -8.44
N ASP A 229 4.40 21.26 -7.88
CA ASP A 229 3.01 21.69 -7.89
C ASP A 229 2.54 22.00 -9.32
N MET A 230 3.45 22.47 -10.18
CA MET A 230 3.06 22.81 -11.54
C MET A 230 2.79 21.55 -12.35
N TRP A 231 3.51 20.45 -12.08
CA TRP A 231 3.13 19.18 -12.68
C TRP A 231 1.71 18.80 -12.30
N SER A 232 1.40 18.81 -11.01
CA SER A 232 0.06 18.47 -10.54
C SER A 232 -1.00 19.37 -11.18
N LEU A 233 -0.69 20.66 -11.33
N LEU A 233 -0.74 20.68 -11.21
CA LEU A 233 -1.66 21.57 -11.95
CA LEU A 233 -1.61 21.58 -11.95
C LEU A 233 -1.84 21.28 -13.42
C LEU A 233 -1.87 21.04 -13.35
N GLY A 234 -0.79 20.86 -14.12
CA GLY A 234 -0.95 20.43 -15.50
C GLY A 234 -1.77 19.17 -15.61
N CYS A 235 -1.61 18.26 -14.65
CA CYS A 235 -2.46 17.07 -14.62
C CYS A 235 -3.94 17.46 -14.50
N MET A 236 -4.24 18.43 -13.67
CA MET A 236 -5.62 18.89 -13.52
C MET A 236 -6.11 19.57 -14.78
N LEU A 237 -5.27 20.43 -15.38
CA LEU A 237 -5.67 21.08 -16.63
C LEU A 237 -6.00 20.04 -17.69
N ALA A 238 -5.14 19.03 -17.83
CA ALA A 238 -5.39 18.00 -18.85
C ALA A 238 -6.73 17.31 -18.62
N SER A 239 -7.05 16.97 -17.38
CA SER A 239 -8.31 16.27 -17.11
C SER A 239 -9.51 17.16 -17.38
N MET A 240 -9.38 18.46 -17.15
CA MET A 240 -10.49 19.37 -17.34
C MET A 240 -10.75 19.63 -18.83
N ILE A 241 -9.70 19.84 -19.63
CA ILE A 241 -9.94 20.13 -21.04
C ILE A 241 -10.22 18.86 -21.83
N PHE A 242 -9.60 17.74 -21.45
CA PHE A 242 -9.79 16.52 -22.22
C PHE A 242 -10.90 15.63 -21.68
N ARG A 243 -11.31 15.83 -20.43
CA ARG A 243 -12.38 15.08 -19.80
C ARG A 243 -11.98 13.63 -19.49
N ARG A 244 -10.68 13.32 -19.52
CA ARG A 244 -10.18 12.05 -19.02
C ARG A 244 -9.67 12.30 -17.61
N GLU A 245 -10.41 11.82 -16.61
CA GLU A 245 -10.12 12.15 -15.22
C GLU A 245 -10.01 10.87 -14.39
N PRO A 246 -8.86 10.61 -13.76
CA PRO A 246 -7.62 11.39 -13.84
C PRO A 246 -7.00 11.21 -15.23
N PHE A 247 -6.11 12.11 -15.64
CA PHE A 247 -5.55 12.00 -16.98
C PHE A 247 -4.54 10.87 -17.08
N PHE A 248 -3.63 10.77 -16.11
CA PHE A 248 -2.63 9.72 -16.05
C PHE A 248 -3.07 8.73 -14.98
N HIS A 249 -3.70 7.62 -15.40
CA HIS A 249 -4.37 6.72 -14.46
C HIS A 249 -3.52 5.48 -14.22
N GLY A 250 -2.45 5.66 -13.46
CA GLY A 250 -1.59 4.53 -13.13
C GLY A 250 -2.26 3.54 -12.21
N GLN A 251 -1.95 2.25 -12.44
CA GLN A 251 -2.46 1.19 -11.58
C GLN A 251 -1.67 1.09 -10.28
N ASP A 252 -0.47 1.63 -10.25
CA ASP A 252 0.39 1.67 -9.07
C ASP A 252 1.47 2.71 -9.36
N ASN A 253 2.39 2.89 -8.43
CA ASN A 253 3.41 3.92 -8.59
C ASN A 253 4.36 3.64 -9.75
N TYR A 254 4.51 2.38 -10.15
CA TYR A 254 5.38 2.07 -11.28
C TYR A 254 4.66 2.28 -12.61
N ASP A 255 3.44 1.75 -12.72
CA ASP A 255 2.64 2.00 -13.91
C ASP A 255 2.32 3.48 -14.09
N GLN A 256 2.32 4.26 -13.00
CA GLN A 256 2.13 5.70 -13.16
C GLN A 256 3.19 6.30 -14.08
N LEU A 257 4.45 5.92 -13.88
CA LEU A 257 5.51 6.41 -14.76
C LEU A 257 5.29 5.91 -16.19
N VAL A 258 4.82 4.68 -16.34
CA VAL A 258 4.54 4.16 -17.69
C VAL A 258 3.48 5.00 -18.38
N ARG A 259 2.41 5.33 -17.66
CA ARG A 259 1.34 6.13 -18.25
C ARG A 259 1.88 7.47 -18.74
N ILE A 260 2.80 8.07 -17.99
CA ILE A 260 3.40 9.33 -18.40
C ILE A 260 4.26 9.12 -19.65
N ALA A 261 5.12 8.09 -19.63
CA ALA A 261 6.03 7.88 -20.74
C ALA A 261 5.28 7.58 -22.03
N LYS A 262 4.13 6.90 -21.94
CA LYS A 262 3.36 6.63 -23.15
C LYS A 262 2.81 7.90 -23.78
N VAL A 263 2.91 9.03 -23.09
CA VAL A 263 2.50 10.33 -23.63
C VAL A 263 3.71 11.19 -23.95
N LEU A 264 4.60 11.38 -22.98
N LEU A 264 4.62 11.37 -22.98
CA LEU A 264 5.75 12.26 -23.20
CA LEU A 264 5.76 12.24 -23.14
C LEU A 264 6.88 11.58 -23.96
C LEU A 264 6.97 11.55 -23.77
N GLY A 265 6.90 10.25 -24.00
CA GLY A 265 7.96 9.54 -24.71
C GLY A 265 9.04 9.03 -23.78
N THR A 266 9.66 7.91 -24.19
CA THR A 266 10.69 7.28 -23.38
C THR A 266 12.07 7.89 -23.59
N GLU A 267 12.42 8.25 -24.82
CA GLU A 267 13.70 8.91 -25.06
C GLU A 267 13.79 10.20 -24.27
N GLU A 268 12.68 10.94 -24.17
CA GLU A 268 12.66 12.16 -23.38
C GLU A 268 12.82 11.86 -21.89
N LEU A 269 12.28 10.72 -21.43
CA LEU A 269 12.50 10.31 -20.04
C LEU A 269 13.98 10.04 -19.79
N TYR A 270 14.64 9.30 -20.68
CA TYR A 270 16.04 8.98 -20.48
C TYR A 270 16.90 10.24 -20.49
N GLY A 271 16.54 11.21 -21.33
CA GLY A 271 17.29 12.46 -21.34
C GLY A 271 17.24 13.17 -20.00
N TYR A 272 16.05 13.21 -19.38
CA TYR A 272 15.89 13.82 -18.07
C TYR A 272 16.71 13.08 -17.02
N LEU A 273 16.60 11.76 -16.98
CA LEU A 273 17.39 10.99 -16.03
C LEU A 273 18.88 11.26 -16.21
N LYS A 274 19.34 11.30 -17.46
CA LYS A 274 20.74 11.56 -17.72
C LYS A 274 21.16 12.93 -17.20
N LYS A 275 20.31 13.94 -17.41
CA LYS A 275 20.68 15.31 -17.04
C LYS A 275 20.90 15.43 -15.53
N TYR A 276 20.06 14.77 -14.74
CA TYR A 276 20.15 14.84 -13.29
C TYR A 276 20.87 13.64 -12.69
N HIS A 277 21.46 12.79 -13.54
CA HIS A 277 22.24 11.65 -13.06
C HIS A 277 21.39 10.74 -12.19
N ILE A 278 20.16 10.50 -12.64
CA ILE A 278 19.21 9.65 -11.93
C ILE A 278 19.34 8.24 -12.45
N ASP A 279 19.51 7.29 -11.53
CA ASP A 279 19.54 5.87 -11.88
C ASP A 279 18.13 5.31 -11.73
N LEU A 280 17.59 4.82 -12.84
CA LEU A 280 16.26 4.21 -12.85
C LEU A 280 16.38 2.76 -12.41
N ASP A 281 15.53 2.36 -11.48
CA ASP A 281 15.52 0.98 -11.02
C ASP A 281 15.43 0.04 -12.21
N PRO A 282 16.26 -1.00 -12.29
CA PRO A 282 16.27 -1.85 -13.50
C PRO A 282 14.91 -2.43 -13.85
N HIS A 283 14.04 -2.69 -12.87
CA HIS A 283 12.75 -3.30 -13.17
C HIS A 283 11.97 -2.46 -14.17
N PHE A 284 12.23 -1.14 -14.21
CA PHE A 284 11.45 -0.27 -15.08
C PHE A 284 11.73 -0.51 -16.57
N ASN A 285 12.89 -1.06 -16.91
CA ASN A 285 13.29 -1.11 -18.33
C ASN A 285 12.33 -1.97 -19.15
N ASP A 286 11.67 -2.93 -18.53
CA ASP A 286 10.75 -3.80 -19.27
C ASP A 286 9.38 -3.15 -19.40
N ILE A 287 8.83 -2.65 -18.29
CA ILE A 287 7.48 -2.11 -18.33
C ILE A 287 7.42 -0.78 -19.05
N LEU A 288 8.53 -0.06 -19.15
CA LEU A 288 8.52 1.22 -19.84
C LEU A 288 8.39 1.04 -21.35
N GLY A 289 9.08 0.06 -21.91
CA GLY A 289 9.05 -0.14 -23.35
C GLY A 289 9.75 1.00 -24.09
N GLN A 290 9.25 1.27 -25.29
CA GLN A 290 9.72 2.39 -26.10
C GLN A 290 8.49 3.10 -26.65
N HIS A 291 8.39 4.40 -26.41
CA HIS A 291 7.20 5.17 -26.79
C HIS A 291 7.64 6.51 -27.34
N SER A 292 7.11 6.85 -28.52
N SER A 292 7.14 6.82 -28.53
CA SER A 292 7.38 8.15 -29.11
CA SER A 292 7.32 8.15 -29.09
C SER A 292 6.48 9.20 -28.47
C SER A 292 6.61 9.17 -28.21
N ARG A 293 7.01 10.42 -28.34
CA ARG A 293 6.25 11.51 -27.77
C ARG A 293 4.97 11.70 -28.59
N LYS A 294 3.85 11.91 -27.92
CA LYS A 294 2.57 12.07 -28.58
C LYS A 294 2.24 13.55 -28.73
N ARG A 295 1.61 13.89 -29.84
CA ARG A 295 1.05 15.22 -29.99
C ARG A 295 -0.16 15.35 -29.09
N TRP A 296 -0.24 16.47 -28.37
CA TRP A 296 -1.37 16.64 -27.47
C TRP A 296 -2.70 16.67 -28.21
N GLU A 297 -2.69 17.04 -29.49
CA GLU A 297 -3.91 17.03 -30.28
C GLU A 297 -4.50 15.63 -30.38
N ASN A 298 -3.70 14.59 -30.11
CA ASN A 298 -4.18 13.22 -30.19
C ASN A 298 -5.30 12.92 -29.21
N PHE A 299 -5.44 13.72 -28.14
CA PHE A 299 -6.43 13.47 -27.12
C PHE A 299 -7.75 14.20 -27.37
N ILE A 300 -7.86 14.92 -28.48
CA ILE A 300 -9.10 15.63 -28.80
C ILE A 300 -10.07 14.65 -29.45
N HIS A 301 -11.33 14.72 -29.05
CA HIS A 301 -12.40 14.01 -29.75
C HIS A 301 -13.70 14.78 -29.56
N SER A 302 -14.79 14.22 -30.08
CA SER A 302 -16.04 14.97 -30.12
C SER A 302 -16.54 15.36 -28.73
N GLU A 303 -16.16 14.64 -27.68
CA GLU A 303 -16.67 14.96 -26.36
C GLU A 303 -15.89 16.06 -25.65
N ASN A 304 -14.75 16.50 -26.19
CA ASN A 304 -13.95 17.52 -25.52
C ASN A 304 -13.48 18.64 -26.43
N ARG A 305 -13.86 18.64 -27.71
CA ARG A 305 -13.30 19.60 -28.64
C ARG A 305 -13.64 21.03 -28.25
N HIS A 306 -14.81 21.25 -27.62
CA HIS A 306 -15.26 22.58 -27.23
C HIS A 306 -14.56 23.11 -25.99
N LEU A 307 -13.66 22.34 -25.40
CA LEU A 307 -12.85 22.78 -24.27
C LEU A 307 -11.39 22.94 -24.64
N VAL A 308 -10.96 22.44 -25.79
CA VAL A 308 -9.56 22.43 -26.20
C VAL A 308 -9.33 23.53 -27.22
N SER A 309 -8.19 24.18 -27.12
CA SER A 309 -7.75 25.22 -28.05
C SER A 309 -6.25 25.09 -28.23
N PRO A 310 -5.70 25.61 -29.34
CA PRO A 310 -4.24 25.63 -29.47
C PRO A 310 -3.56 26.24 -28.26
N GLU A 311 -4.15 27.30 -27.69
CA GLU A 311 -3.53 27.95 -26.54
C GLU A 311 -3.51 27.04 -25.32
N ALA A 312 -4.58 26.25 -25.11
CA ALA A 312 -4.59 25.32 -23.99
C ALA A 312 -3.52 24.26 -24.16
N LEU A 313 -3.34 23.76 -25.39
CA LEU A 313 -2.36 22.73 -25.63
C LEU A 313 -0.94 23.27 -25.49
N ASP A 314 -0.72 24.52 -25.89
CA ASP A 314 0.60 25.11 -25.71
C ASP A 314 0.96 25.19 -24.24
N LEU A 315 0.05 25.71 -23.42
CA LEU A 315 0.28 25.79 -21.98
C LEU A 315 0.48 24.40 -21.41
N LEU A 316 -0.39 23.46 -21.75
CA LEU A 316 -0.27 22.11 -21.21
C LEU A 316 1.10 21.52 -21.50
N ASP A 317 1.56 21.69 -22.74
CA ASP A 317 2.85 21.14 -23.15
C ASP A 317 3.98 21.73 -22.33
N LYS A 318 3.83 22.97 -21.87
CA LYS A 318 4.88 23.65 -21.11
C LYS A 318 4.79 23.39 -19.62
N LEU A 319 3.74 22.73 -19.14
CA LEU A 319 3.65 22.29 -17.75
C LEU A 319 4.01 20.83 -17.57
N LEU A 320 3.53 19.96 -18.45
CA LEU A 320 3.79 18.53 -18.34
C LEU A 320 5.09 18.17 -19.07
N ARG A 321 6.19 18.56 -18.43
CA ARG A 321 7.53 18.26 -18.90
C ARG A 321 8.24 17.44 -17.84
N TYR A 322 9.02 16.45 -18.28
CA TYR A 322 9.78 15.66 -17.33
C TYR A 322 10.66 16.58 -16.48
N ASP A 323 11.44 17.43 -17.13
CA ASP A 323 12.43 18.27 -16.46
C ASP A 323 11.71 19.33 -15.64
N HIS A 324 11.75 19.16 -14.32
CA HIS A 324 11.03 20.08 -13.44
C HIS A 324 11.53 21.51 -13.57
N GLN A 325 12.82 21.68 -13.88
N GLN A 325 12.82 21.69 -13.90
CA GLN A 325 13.38 23.04 -13.99
CA GLN A 325 13.42 23.01 -14.01
C GLN A 325 12.84 23.77 -15.21
C GLN A 325 12.99 23.75 -15.27
N GLN A 326 12.39 23.06 -16.24
CA GLN A 326 11.93 23.67 -17.48
C GLN A 326 10.43 23.94 -17.49
N ARG A 327 9.67 23.36 -16.57
CA ARG A 327 8.26 23.67 -16.47
C ARG A 327 8.06 25.13 -16.16
N LEU A 328 6.93 25.67 -16.61
CA LEU A 328 6.61 27.04 -16.30
C LEU A 328 6.45 27.22 -14.80
N THR A 329 6.87 28.38 -14.29
CA THR A 329 6.53 28.77 -12.93
C THR A 329 5.06 29.20 -12.90
N ALA A 330 4.52 29.32 -11.70
CA ALA A 330 3.13 29.76 -11.56
C ALA A 330 2.92 31.11 -12.23
N LYS A 331 3.86 32.05 -12.03
CA LYS A 331 3.72 33.37 -12.62
C LYS A 331 3.88 33.33 -14.13
N GLU A 332 4.82 32.52 -14.62
CA GLU A 332 4.96 32.35 -16.06
C GLU A 332 3.69 31.77 -16.66
N ALA A 333 3.08 30.81 -15.99
CA ALA A 333 1.82 30.24 -16.50
C ALA A 333 0.73 31.30 -16.53
N MET A 334 0.70 32.17 -15.53
N MET A 334 0.71 32.18 -15.52
CA MET A 334 -0.34 33.19 -15.46
CA MET A 334 -0.31 33.21 -15.41
C MET A 334 -0.27 34.15 -16.65
C MET A 334 -0.19 34.29 -16.48
N GLU A 335 0.91 34.32 -17.24
CA GLU A 335 1.11 35.25 -18.33
C GLU A 335 0.86 34.62 -19.68
N HIS A 336 0.42 33.36 -19.70
CA HIS A 336 0.25 32.64 -20.94
C HIS A 336 -1.01 33.12 -21.67
N PRO A 337 -0.98 33.13 -23.01
CA PRO A 337 -2.16 33.61 -23.77
C PRO A 337 -3.45 32.87 -23.45
N TYR A 338 -3.39 31.62 -22.95
CA TYR A 338 -4.60 30.90 -22.55
C TYR A 338 -5.43 31.71 -21.56
N PHE A 339 -4.79 32.55 -20.75
CA PHE A 339 -5.49 33.28 -19.70
C PHE A 339 -5.84 34.71 -20.08
N TYR A 340 -5.51 35.15 -21.30
CA TYR A 340 -5.88 36.51 -21.71
C TYR A 340 -7.36 36.82 -21.47
N PRO A 341 -8.31 35.90 -21.70
CA PRO A 341 -9.73 36.27 -21.45
C PRO A 341 -10.07 36.49 -19.98
N VAL A 342 -9.21 36.07 -19.06
CA VAL A 342 -9.51 36.15 -17.62
C VAL A 342 -8.60 37.11 -16.88
N VAL A 343 -7.61 37.68 -17.55
CA VAL A 343 -6.79 38.73 -16.97
C VAL A 343 -7.54 40.06 -17.06
N GLY B 21 -21.39 -11.89 2.29
CA GLY B 21 -20.68 -12.94 1.58
C GLY B 21 -19.30 -12.52 1.12
N SER B 22 -18.59 -13.45 0.48
CA SER B 22 -17.24 -13.19 0.02
C SER B 22 -16.77 -14.39 -0.79
N ARG B 23 -15.95 -14.11 -1.80
N ARG B 23 -15.95 -14.11 -1.80
CA ARG B 23 -15.41 -15.15 -2.66
CA ARG B 23 -15.42 -15.13 -2.69
C ARG B 23 -13.96 -14.84 -2.99
C ARG B 23 -13.97 -14.83 -2.98
N ALA B 24 -13.18 -15.89 -3.24
CA ALA B 24 -11.82 -15.70 -3.70
C ALA B 24 -11.84 -15.04 -5.08
N ARG B 25 -10.90 -14.12 -5.30
CA ARG B 25 -10.84 -13.45 -6.59
C ARG B 25 -10.27 -14.35 -7.69
N VAL B 26 -9.60 -15.43 -7.31
CA VAL B 26 -9.00 -16.35 -8.26
C VAL B 26 -9.24 -17.78 -7.78
N TYR B 27 -9.22 -18.72 -8.73
CA TYR B 27 -9.29 -20.14 -8.41
C TYR B 27 -10.52 -20.49 -7.57
N ALA B 28 -11.61 -19.74 -7.72
CA ALA B 28 -12.76 -19.95 -6.85
C ALA B 28 -13.48 -21.26 -7.16
N GLU B 29 -13.64 -21.57 -8.44
CA GLU B 29 -14.46 -22.69 -8.89
C GLU B 29 -13.65 -23.95 -9.19
N VAL B 30 -12.35 -23.96 -8.90
CA VAL B 30 -11.48 -25.00 -9.45
C VAL B 30 -11.88 -26.39 -8.95
N ASN B 31 -12.23 -26.50 -7.67
CA ASN B 31 -12.50 -27.82 -7.11
C ASN B 31 -13.80 -28.41 -7.68
N SER B 32 -14.80 -27.57 -7.93
CA SER B 32 -16.03 -28.08 -8.51
C SER B 32 -15.81 -28.60 -9.93
N LEU B 33 -14.77 -28.15 -10.61
CA LEU B 33 -14.47 -28.60 -11.97
C LEU B 33 -13.68 -29.91 -11.99
N ARG B 34 -13.19 -30.37 -10.85
CA ARG B 34 -12.45 -31.62 -10.77
C ARG B 34 -13.38 -32.75 -10.36
N SER B 35 -12.87 -33.98 -10.48
CA SER B 35 -13.59 -35.14 -9.98
C SER B 35 -13.85 -34.99 -8.49
N ARG B 36 -14.97 -35.53 -8.03
CA ARG B 36 -15.30 -35.43 -6.62
C ARG B 36 -14.21 -36.06 -5.75
N GLU B 37 -13.62 -37.17 -6.21
CA GLU B 37 -12.59 -37.81 -5.41
C GLU B 37 -11.37 -36.94 -5.21
N TYR B 38 -11.23 -35.84 -5.96
CA TYR B 38 -10.10 -34.94 -5.76
C TYR B 38 -10.17 -34.28 -4.39
N TRP B 39 -11.35 -33.76 -4.03
CA TRP B 39 -11.54 -33.00 -2.81
C TRP B 39 -12.28 -33.76 -1.72
N ASP B 40 -12.95 -34.86 -2.05
CA ASP B 40 -13.72 -35.63 -1.08
C ASP B 40 -12.77 -36.53 -0.27
N TYR B 41 -11.94 -35.87 0.54
CA TYR B 41 -10.88 -36.59 1.24
C TYR B 41 -11.43 -37.64 2.20
N GLU B 42 -12.66 -37.44 2.69
CA GLU B 42 -13.26 -38.42 3.58
C GLU B 42 -13.27 -39.81 2.96
N ALA B 43 -13.51 -39.89 1.66
CA ALA B 43 -13.59 -41.17 0.95
C ALA B 43 -12.25 -41.68 0.46
N HIS B 44 -11.17 -40.91 0.63
CA HIS B 44 -9.85 -41.35 0.23
C HIS B 44 -9.45 -42.58 1.04
N VAL B 45 -8.75 -43.50 0.37
CA VAL B 45 -8.36 -44.77 1.00
C VAL B 45 -6.85 -44.98 0.84
N PRO B 46 -6.04 -44.56 1.81
CA PRO B 46 -4.58 -44.68 1.65
C PRO B 46 -4.15 -46.13 1.49
N SER B 47 -2.91 -46.29 1.04
CA SER B 47 -2.23 -47.58 0.97
C SER B 47 -1.06 -47.50 1.95
N TRP B 48 -1.15 -48.25 3.05
CA TRP B 48 -0.19 -48.15 4.13
C TRP B 48 0.85 -49.26 4.00
N GLY B 49 2.12 -48.86 3.87
CA GLY B 49 3.22 -49.79 3.76
C GLY B 49 3.90 -50.02 5.09
N ASN B 50 5.06 -50.67 5.03
CA ASN B 50 5.81 -50.98 6.24
C ASN B 50 6.86 -49.91 6.51
N GLN B 51 6.82 -49.34 7.71
CA GLN B 51 7.81 -48.35 8.12
C GLN B 51 9.19 -48.95 8.33
N ASP B 52 9.31 -50.28 8.31
CA ASP B 52 10.59 -50.94 8.49
C ASP B 52 11.55 -50.69 7.33
N ASP B 53 11.09 -50.07 6.25
CA ASP B 53 11.97 -49.66 5.16
C ASP B 53 12.78 -48.42 5.50
N TYR B 54 12.56 -47.82 6.67
CA TYR B 54 13.14 -46.53 7.00
C TYR B 54 13.86 -46.64 8.34
N GLN B 55 15.14 -46.29 8.34
CA GLN B 55 15.94 -46.22 9.56
C GLN B 55 15.94 -44.79 10.07
N LEU B 56 15.82 -44.65 11.39
CA LEU B 56 15.58 -43.36 12.03
C LEU B 56 16.89 -42.84 12.62
N VAL B 57 17.42 -41.80 12.01
CA VAL B 57 18.76 -41.33 12.35
C VAL B 57 18.74 -40.24 13.42
N ARG B 58 17.67 -39.44 13.48
CA ARG B 58 17.64 -38.30 14.39
C ARG B 58 16.25 -37.69 14.43
N LYS B 59 15.71 -37.47 15.63
CA LYS B 59 14.44 -36.79 15.76
C LYS B 59 14.65 -35.30 15.54
N LEU B 60 13.96 -34.74 14.55
CA LEU B 60 14.14 -33.34 14.19
C LEU B 60 13.20 -32.41 14.94
N GLY B 61 12.02 -32.90 15.30
CA GLY B 61 11.06 -32.06 15.99
C GLY B 61 9.77 -32.81 16.20
N ARG B 62 8.70 -32.04 16.46
CA ARG B 62 7.42 -32.64 16.75
C ARG B 62 6.36 -31.55 16.77
N GLY B 63 5.18 -31.87 16.23
CA GLY B 63 4.06 -30.95 16.29
C GLY B 63 3.00 -31.44 17.26
N LYS B 64 1.73 -31.22 16.92
CA LYS B 64 0.64 -31.72 17.74
C LYS B 64 0.19 -33.11 17.32
N TYR B 65 0.26 -33.43 16.02
CA TYR B 65 -0.12 -34.72 15.49
C TYR B 65 1.05 -35.36 14.75
N SER B 66 2.25 -35.31 15.34
CA SER B 66 3.44 -35.72 14.60
C SER B 66 4.54 -36.17 15.55
N GLU B 67 5.59 -36.77 14.96
CA GLU B 67 6.85 -37.05 15.63
C GLU B 67 7.85 -37.32 14.50
N VAL B 68 8.79 -36.41 14.29
CA VAL B 68 9.51 -36.28 13.02
C VAL B 68 10.95 -36.73 13.20
N PHE B 69 11.44 -37.53 12.26
CA PHE B 69 12.80 -38.06 12.29
C PHE B 69 13.46 -37.92 10.94
N GLU B 70 14.67 -37.37 10.92
CA GLU B 70 15.57 -37.59 9.78
C GLU B 70 15.83 -39.08 9.65
N ALA B 71 15.76 -39.59 8.43
CA ALA B 71 15.81 -41.03 8.23
C ALA B 71 16.47 -41.35 6.90
N ILE B 72 16.70 -42.66 6.69
CA ILE B 72 17.22 -43.20 5.44
C ILE B 72 16.30 -44.34 5.01
N ASN B 73 15.98 -44.41 3.72
CA ASN B 73 15.19 -45.50 3.18
C ASN B 73 16.15 -46.63 2.79
N ILE B 74 16.02 -47.77 3.47
CA ILE B 74 17.05 -48.82 3.37
C ILE B 74 17.11 -49.41 1.96
N THR B 75 16.00 -49.35 1.21
CA THR B 75 15.93 -50.00 -0.09
C THR B 75 16.64 -49.22 -1.18
N ASN B 76 17.03 -47.97 -0.91
CA ASN B 76 17.66 -47.16 -1.94
C ASN B 76 18.65 -46.15 -1.37
N ASN B 77 18.90 -46.14 -0.06
CA ASN B 77 19.89 -45.31 0.61
C ASN B 77 19.53 -43.83 0.62
N GLU B 78 18.35 -43.45 0.14
CA GLU B 78 17.97 -42.05 0.13
C GLU B 78 17.60 -41.58 1.54
N ARG B 79 18.06 -40.39 1.89
CA ARG B 79 17.66 -39.76 3.14
C ARG B 79 16.28 -39.13 2.99
N VAL B 80 15.45 -39.26 4.02
CA VAL B 80 14.08 -38.77 4.00
C VAL B 80 13.73 -38.26 5.39
N VAL B 81 12.49 -37.85 5.56
CA VAL B 81 11.95 -37.45 6.86
C VAL B 81 10.71 -38.29 7.13
N VAL B 82 10.67 -38.91 8.31
CA VAL B 82 9.56 -39.77 8.72
C VAL B 82 8.75 -39.01 9.76
N LYS B 83 7.52 -38.64 9.40
CA LYS B 83 6.61 -37.96 10.31
C LYS B 83 5.59 -38.98 10.78
N ILE B 84 5.66 -39.34 12.05
CA ILE B 84 4.74 -40.31 12.65
C ILE B 84 3.49 -39.54 13.08
N LEU B 85 2.38 -39.81 12.42
CA LEU B 85 1.13 -39.15 12.76
C LEU B 85 0.61 -39.70 14.08
N LYS B 86 0.49 -38.84 15.08
CA LYS B 86 -0.10 -39.26 16.34
C LYS B 86 -1.58 -39.61 16.12
N PRO B 87 -2.16 -40.46 16.97
CA PRO B 87 -3.58 -40.79 16.81
C PRO B 87 -4.49 -39.57 16.83
N VAL B 88 -5.06 -39.24 15.68
CA VAL B 88 -6.10 -38.21 15.58
C VAL B 88 -7.32 -38.87 14.96
N LYS B 89 -8.40 -38.11 14.77
CA LYS B 89 -9.55 -38.62 14.06
C LYS B 89 -9.15 -38.96 12.61
N LYS B 90 -9.56 -40.15 12.15
CA LYS B 90 -9.10 -40.62 10.85
C LYS B 90 -9.38 -39.62 9.74
N LYS B 91 -10.46 -38.84 9.87
CA LYS B 91 -10.81 -37.90 8.81
C LYS B 91 -9.68 -36.91 8.55
N LYS B 92 -9.01 -36.44 9.62
CA LYS B 92 -7.96 -35.45 9.46
C LYS B 92 -6.69 -36.06 8.88
N ILE B 93 -6.47 -37.37 9.09
CA ILE B 93 -5.36 -38.04 8.43
C ILE B 93 -5.59 -38.08 6.93
N LYS B 94 -6.80 -38.43 6.51
CA LYS B 94 -7.10 -38.51 5.09
C LYS B 94 -6.96 -37.15 4.41
N ARG B 95 -7.34 -36.08 5.11
CA ARG B 95 -7.21 -34.75 4.53
C ARG B 95 -5.77 -34.44 4.19
N GLU B 96 -4.86 -34.60 5.16
CA GLU B 96 -3.46 -34.28 4.92
C GLU B 96 -2.87 -35.18 3.84
N VAL B 97 -3.19 -36.47 3.87
CA VAL B 97 -2.65 -37.39 2.86
C VAL B 97 -3.19 -37.02 1.48
N LYS B 98 -4.51 -36.81 1.38
CA LYS B 98 -5.10 -36.51 0.08
C LYS B 98 -4.58 -35.18 -0.48
N ILE B 99 -4.41 -34.18 0.39
CA ILE B 99 -3.86 -32.90 -0.05
C ILE B 99 -2.42 -33.06 -0.51
N LEU B 100 -1.62 -33.84 0.23
CA LEU B 100 -0.23 -34.05 -0.16
C LEU B 100 -0.13 -34.80 -1.49
N GLU B 101 -1.05 -35.72 -1.74
CA GLU B 101 -1.04 -36.45 -3.00
C GLU B 101 -1.41 -35.54 -4.16
N ASN B 102 -2.41 -34.68 -3.98
CA ASN B 102 -2.81 -33.78 -5.06
C ASN B 102 -1.70 -32.80 -5.40
N LEU B 103 -0.88 -32.42 -4.42
CA LEU B 103 0.17 -31.44 -4.61
C LEU B 103 1.51 -32.07 -4.98
N ARG B 104 1.54 -33.38 -5.20
CA ARG B 104 2.80 -34.03 -5.58
C ARG B 104 3.31 -33.44 -6.88
N GLY B 105 4.61 -33.17 -6.93
CA GLY B 105 5.21 -32.53 -8.08
C GLY B 105 5.03 -31.03 -8.12
N GLY B 106 4.21 -30.46 -7.24
CA GLY B 106 4.04 -29.02 -7.22
C GLY B 106 5.32 -28.31 -6.84
N THR B 107 5.51 -27.12 -7.41
CA THR B 107 6.75 -26.38 -7.22
C THR B 107 6.92 -25.99 -5.77
N ASN B 108 8.02 -26.43 -5.16
CA ASN B 108 8.42 -26.07 -3.80
C ASN B 108 7.45 -26.55 -2.74
N ILE B 109 6.61 -27.50 -3.06
CA ILE B 109 5.80 -28.21 -2.08
C ILE B 109 6.55 -29.46 -1.66
N ILE B 110 6.57 -29.72 -0.34
CA ILE B 110 7.27 -30.90 0.16
C ILE B 110 6.67 -32.16 -0.45
N LYS B 111 7.53 -33.06 -0.91
CA LYS B 111 7.11 -34.24 -1.64
C LYS B 111 6.80 -35.36 -0.66
N LEU B 112 5.58 -35.87 -0.71
CA LEU B 112 5.21 -37.07 0.04
C LEU B 112 5.74 -38.28 -0.70
N ILE B 113 6.64 -39.02 -0.06
CA ILE B 113 7.26 -40.18 -0.68
C ILE B 113 6.40 -41.43 -0.49
N ASP B 114 5.82 -41.62 0.69
CA ASP B 114 4.98 -42.78 0.93
C ASP B 114 4.23 -42.59 2.24
N THR B 115 3.26 -43.48 2.45
CA THR B 115 2.43 -43.53 3.65
C THR B 115 2.60 -44.92 4.24
N VAL B 116 3.19 -44.99 5.43
CA VAL B 116 3.64 -46.25 6.01
C VAL B 116 3.08 -46.45 7.40
N LYS B 117 3.16 -47.69 7.87
CA LYS B 117 2.63 -48.09 9.17
C LYS B 117 3.52 -49.17 9.76
N ASP B 118 3.13 -49.64 10.96
CA ASP B 118 3.70 -50.83 11.57
C ASP B 118 2.70 -51.99 11.45
N PRO B 119 3.16 -53.22 11.25
CA PRO B 119 2.21 -54.32 11.04
C PRO B 119 1.17 -54.48 12.14
N VAL B 120 1.58 -54.36 13.41
CA VAL B 120 0.69 -54.70 14.52
C VAL B 120 0.22 -53.48 15.31
N SER B 121 0.92 -52.35 15.25
CA SER B 121 0.51 -51.18 16.03
C SER B 121 -0.45 -50.28 15.26
N LYS B 122 -0.41 -50.29 13.93
CA LYS B 122 -1.33 -49.56 13.07
C LYS B 122 -1.07 -48.06 13.05
N THR B 123 0.02 -47.60 13.65
CA THR B 123 0.30 -46.16 13.72
C THR B 123 0.69 -45.65 12.34
N PRO B 124 -0.01 -44.65 11.79
CA PRO B 124 0.34 -44.14 10.46
C PRO B 124 1.45 -43.11 10.52
N ALA B 125 2.10 -42.93 9.37
CA ALA B 125 3.21 -41.99 9.25
C ALA B 125 3.37 -41.61 7.79
N LEU B 126 3.98 -40.46 7.58
CA LEU B 126 4.24 -39.95 6.23
C LEU B 126 5.74 -39.87 6.02
N VAL B 127 6.16 -40.14 4.79
CA VAL B 127 7.56 -40.06 4.40
C VAL B 127 7.71 -38.91 3.41
N PHE B 128 8.66 -38.02 3.68
CA PHE B 128 8.88 -36.84 2.87
C PHE B 128 10.32 -36.79 2.40
N GLU B 129 10.55 -36.11 1.28
CA GLU B 129 11.90 -35.79 0.85
C GLU B 129 12.62 -35.03 1.95
N TYR B 130 13.94 -35.23 2.04
CA TYR B 130 14.75 -34.60 3.07
C TYR B 130 15.20 -33.22 2.61
N ILE B 131 15.20 -32.26 3.54
CA ILE B 131 15.70 -30.92 3.29
C ILE B 131 16.65 -30.55 4.42
N ASN B 132 17.86 -30.11 4.05
CA ASN B 132 18.88 -29.72 5.02
C ASN B 132 18.61 -28.28 5.45
N ASN B 133 17.62 -28.13 6.33
CA ASN B 133 17.14 -26.81 6.71
C ASN B 133 18.10 -26.12 7.66
N THR B 134 18.24 -24.81 7.48
CA THR B 134 18.85 -23.94 8.48
C THR B 134 17.71 -23.25 9.23
N ASP B 135 17.70 -23.41 10.56
CA ASP B 135 16.62 -22.82 11.35
C ASP B 135 16.51 -21.32 11.06
N PHE B 136 15.28 -20.86 10.84
CA PHE B 136 15.06 -19.48 10.43
C PHE B 136 15.67 -18.47 11.42
N LYS B 137 15.90 -18.89 12.66
CA LYS B 137 16.47 -17.96 13.65
C LYS B 137 17.90 -17.60 13.30
N GLN B 138 18.72 -18.59 12.96
CA GLN B 138 20.06 -18.29 12.45
C GLN B 138 19.97 -17.69 11.05
N LEU B 139 19.21 -18.34 10.17
CA LEU B 139 19.19 -17.95 8.77
C LEU B 139 18.81 -16.48 8.60
N TYR B 140 17.69 -16.07 9.19
CA TYR B 140 17.20 -14.72 8.95
C TYR B 140 18.19 -13.65 9.41
N GLN B 141 19.16 -14.00 10.26
CA GLN B 141 20.16 -13.04 10.70
C GLN B 141 21.35 -12.91 9.75
N ILE B 142 21.29 -13.56 8.59
CA ILE B 142 22.39 -13.48 7.63
C ILE B 142 21.88 -13.46 6.20
N LEU B 143 20.58 -13.30 6.03
CA LEU B 143 20.04 -13.12 4.69
C LEU B 143 20.38 -11.72 4.18
N THR B 144 20.60 -11.63 2.87
CA THR B 144 20.76 -10.35 2.20
C THR B 144 19.45 -9.97 1.55
N ASP B 145 19.39 -8.73 1.04
CA ASP B 145 18.22 -8.29 0.29
C ASP B 145 17.84 -9.30 -0.78
N PHE B 146 18.82 -9.74 -1.59
CA PHE B 146 18.49 -10.67 -2.66
C PHE B 146 18.01 -12.01 -2.11
N ASP B 147 18.57 -12.46 -0.99
CA ASP B 147 18.17 -13.76 -0.44
C ASP B 147 16.71 -13.75 -0.02
N ILE B 148 16.27 -12.69 0.64
CA ILE B 148 14.87 -12.57 1.04
C ILE B 148 13.98 -12.56 -0.20
N ARG B 149 14.32 -11.72 -1.18
CA ARG B 149 13.60 -11.72 -2.44
C ARG B 149 13.53 -13.12 -3.02
N PHE B 150 14.64 -13.84 -3.00
CA PHE B 150 14.70 -15.15 -3.64
C PHE B 150 13.79 -16.15 -2.94
N TYR B 151 13.87 -16.22 -1.62
CA TYR B 151 13.14 -17.26 -0.88
C TYR B 151 11.64 -16.94 -0.84
N MET B 152 11.27 -15.66 -0.73
CA MET B 152 9.86 -15.30 -0.77
C MET B 152 9.24 -15.63 -2.12
N TYR B 153 10.02 -15.47 -3.21
CA TYR B 153 9.51 -15.83 -4.53
C TYR B 153 9.29 -17.34 -4.63
N GLU B 154 10.20 -18.13 -4.07
CA GLU B 154 10.02 -19.59 -4.11
C GLU B 154 8.80 -20.00 -3.29
N LEU B 155 8.56 -19.34 -2.16
CA LEU B 155 7.36 -19.63 -1.37
C LEU B 155 6.10 -19.22 -2.13
N LEU B 156 6.15 -18.09 -2.83
CA LEU B 156 5.00 -17.69 -3.64
C LEU B 156 4.69 -18.73 -4.70
N LYS B 157 5.72 -19.36 -5.27
CA LYS B 157 5.47 -20.42 -6.25
C LYS B 157 4.67 -21.54 -5.62
N ALA B 158 5.01 -21.90 -4.38
CA ALA B 158 4.31 -22.98 -3.70
C ALA B 158 2.87 -22.58 -3.37
N LEU B 159 2.66 -21.34 -2.96
CA LEU B 159 1.33 -20.88 -2.60
C LEU B 159 0.45 -20.74 -3.84
N ASP B 160 0.97 -20.13 -4.91
CA ASP B 160 0.19 -20.07 -6.14
C ASP B 160 -0.16 -21.48 -6.60
N TYR B 161 0.79 -22.40 -6.52
CA TYR B 161 0.51 -23.76 -6.95
C TYR B 161 -0.63 -24.37 -6.14
N CYS B 162 -0.51 -24.38 -4.81
CA CYS B 162 -1.55 -25.02 -4.01
C CYS B 162 -2.88 -24.30 -4.15
N HIS B 163 -2.88 -22.97 -4.21
CA HIS B 163 -4.13 -22.25 -4.45
C HIS B 163 -4.74 -22.65 -5.78
N SER B 164 -3.91 -22.78 -6.83
CA SER B 164 -4.41 -23.21 -8.13
C SER B 164 -4.97 -24.63 -8.08
N LYS B 165 -4.51 -25.45 -7.13
CA LYS B 165 -5.05 -26.78 -6.89
C LYS B 165 -6.17 -26.76 -5.85
N GLY B 166 -6.75 -25.59 -5.59
CA GLY B 166 -7.93 -25.48 -4.75
C GLY B 166 -7.68 -25.69 -3.27
N ILE B 167 -6.47 -25.41 -2.79
CA ILE B 167 -6.07 -25.76 -1.43
C ILE B 167 -5.54 -24.52 -0.73
N MET B 168 -6.01 -24.30 0.50
CA MET B 168 -5.45 -23.30 1.40
C MET B 168 -4.51 -24.01 2.36
N HIS B 169 -3.34 -23.44 2.61
CA HIS B 169 -2.41 -24.06 3.56
C HIS B 169 -2.86 -23.82 4.99
N ARG B 170 -3.16 -22.57 5.33
CA ARG B 170 -3.72 -22.16 6.61
C ARG B 170 -2.73 -22.23 7.77
N ASP B 171 -1.45 -22.49 7.51
CA ASP B 171 -0.46 -22.48 8.58
C ASP B 171 0.89 -22.03 8.05
N VAL B 172 0.89 -21.02 7.18
CA VAL B 172 2.14 -20.47 6.69
C VAL B 172 2.84 -19.72 7.82
N LYS B 173 4.11 -20.04 8.03
CA LYS B 173 4.95 -19.43 9.05
C LYS B 173 6.36 -19.96 8.87
N PRO B 174 7.37 -19.27 9.39
CA PRO B 174 8.76 -19.71 9.15
C PRO B 174 9.01 -21.16 9.53
N HIS B 175 8.37 -21.63 10.59
CA HIS B 175 8.61 -22.98 11.09
C HIS B 175 8.17 -24.05 10.09
N ASN B 176 7.22 -23.72 9.23
CA ASN B 176 6.75 -24.63 8.20
C ASN B 176 7.32 -24.32 6.82
N VAL B 177 8.40 -23.54 6.76
CA VAL B 177 9.11 -23.28 5.52
C VAL B 177 10.55 -23.74 5.73
N MET B 178 10.94 -24.79 5.01
CA MET B 178 12.28 -25.35 5.11
C MET B 178 13.16 -24.77 4.02
N ILE B 179 14.33 -24.26 4.40
CA ILE B 179 15.25 -23.63 3.47
C ILE B 179 16.63 -24.25 3.62
N ASP B 180 17.10 -24.90 2.56
CA ASP B 180 18.49 -25.32 2.44
C ASP B 180 19.25 -24.13 1.84
N HIS B 181 19.96 -23.40 2.69
CA HIS B 181 20.64 -22.19 2.23
C HIS B 181 21.92 -22.49 1.47
N GLN B 182 22.39 -23.73 1.46
CA GLN B 182 23.58 -24.07 0.69
C GLN B 182 23.23 -24.38 -0.76
N GLN B 183 22.23 -25.24 -0.97
CA GLN B 183 21.76 -25.57 -2.31
C GLN B 183 20.61 -24.69 -2.78
N LYS B 184 20.28 -23.64 -2.02
CA LYS B 184 19.20 -22.73 -2.36
C LYS B 184 17.92 -23.50 -2.68
N LYS B 185 17.41 -24.20 -1.67
CA LYS B 185 16.23 -25.04 -1.78
C LYS B 185 15.21 -24.59 -0.74
N LEU B 186 13.94 -24.55 -1.13
CA LEU B 186 12.86 -24.18 -0.23
C LEU B 186 11.69 -25.14 -0.42
N ARG B 187 11.11 -25.59 0.70
CA ARG B 187 9.92 -26.42 0.67
C ARG B 187 8.92 -25.91 1.70
N LEU B 188 7.66 -25.76 1.27
CA LEU B 188 6.55 -25.48 2.18
C LEU B 188 6.08 -26.80 2.77
N ILE B 189 6.10 -26.90 4.10
CA ILE B 189 5.81 -28.18 4.75
C ILE B 189 4.61 -28.09 5.69
N ASP B 190 4.31 -29.21 6.36
CA ASP B 190 3.24 -29.33 7.35
C ASP B 190 1.89 -28.90 6.79
N TRP B 191 1.17 -29.84 6.18
CA TRP B 191 -0.10 -29.58 5.52
C TRP B 191 -1.29 -30.10 6.33
N GLY B 192 -1.08 -30.34 7.62
CA GLY B 192 -2.12 -30.92 8.46
C GLY B 192 -3.31 -30.01 8.72
N LEU B 193 -3.14 -28.70 8.54
CA LEU B 193 -4.25 -27.77 8.68
C LEU B 193 -4.81 -27.32 7.35
N ALA B 194 -4.17 -27.66 6.24
CA ALA B 194 -4.65 -27.24 4.92
C ALA B 194 -6.06 -27.75 4.68
N GLU B 195 -6.80 -27.03 3.85
N GLU B 195 -6.79 -27.05 3.81
CA GLU B 195 -8.16 -27.41 3.52
CA GLU B 195 -8.19 -27.37 3.56
C GLU B 195 -8.43 -27.12 2.06
C GLU B 195 -8.56 -26.96 2.14
N PHE B 196 -9.50 -27.70 1.55
CA PHE B 196 -9.95 -27.43 0.19
C PHE B 196 -10.89 -26.24 0.20
N TYR B 197 -10.71 -25.33 -0.76
CA TYR B 197 -11.57 -24.15 -0.85
C TYR B 197 -12.79 -24.45 -1.72
N HIS B 198 -13.97 -24.22 -1.15
CA HIS B 198 -15.22 -24.26 -1.88
C HIS B 198 -15.93 -22.94 -1.63
N PRO B 199 -16.35 -22.21 -2.66
CA PRO B 199 -16.95 -20.89 -2.42
C PRO B 199 -18.16 -20.97 -1.52
N ALA B 200 -18.34 -19.96 -0.68
CA ALA B 200 -19.43 -19.79 0.27
C ALA B 200 -19.27 -20.66 1.51
N GLN B 201 -18.37 -21.65 1.50
CA GLN B 201 -18.16 -22.48 2.67
C GLN B 201 -17.59 -21.65 3.81
N GLU B 202 -18.10 -21.88 5.01
CA GLU B 202 -17.61 -21.21 6.22
C GLU B 202 -16.64 -22.15 6.93
N TYR B 203 -15.46 -21.64 7.23
CA TYR B 203 -14.36 -22.44 7.76
C TYR B 203 -14.04 -22.07 9.19
N ASN B 204 -13.44 -23.03 9.90
CA ASN B 204 -13.02 -22.80 11.27
C ASN B 204 -11.98 -21.69 11.31
N VAL B 205 -12.16 -20.74 12.23
CA VAL B 205 -11.17 -19.67 12.39
C VAL B 205 -10.02 -20.08 13.30
N ARG B 206 -10.10 -21.24 13.93
CA ARG B 206 -9.01 -21.75 14.77
C ARG B 206 -8.02 -22.53 13.89
N VAL B 207 -7.31 -21.77 13.06
CA VAL B 207 -6.23 -22.27 12.21
C VAL B 207 -5.08 -21.28 12.27
N ALA B 208 -3.98 -21.64 11.62
CA ALA B 208 -2.77 -20.82 11.62
C ALA B 208 -2.21 -20.71 13.03
N SER B 209 -1.09 -20.02 13.18
CA SER B 209 -0.48 -19.76 14.48
C SER B 209 -0.66 -18.29 14.80
N ARG B 210 -0.81 -18.00 16.10
CA ARG B 210 -1.27 -16.69 16.53
C ARG B 210 -0.62 -15.55 15.76
N TYR B 211 0.71 -15.54 15.68
CA TYR B 211 1.40 -14.41 15.08
C TYR B 211 1.09 -14.26 13.60
N PHE B 212 0.56 -15.29 12.95
CA PHE B 212 0.34 -15.29 11.52
C PHE B 212 -1.14 -15.37 11.17
N LYS B 213 -2.02 -15.25 12.15
CA LYS B 213 -3.44 -15.27 11.90
C LYS B 213 -3.88 -13.97 11.26
N GLY B 214 -4.64 -14.08 10.16
CA GLY B 214 -5.19 -12.93 9.50
C GLY B 214 -6.30 -12.29 10.32
N PRO B 215 -6.56 -11.00 10.10
CA PRO B 215 -7.65 -10.36 10.86
C PRO B 215 -8.97 -11.09 10.76
N GLU B 216 -9.25 -11.69 9.60
CA GLU B 216 -10.49 -12.45 9.44
C GLU B 216 -10.63 -13.50 10.53
N LEU B 217 -9.53 -14.17 10.88
CA LEU B 217 -9.60 -15.20 11.91
C LEU B 217 -9.82 -14.58 13.28
N LEU B 218 -9.17 -13.45 13.56
CA LEU B 218 -9.22 -12.84 14.88
C LEU B 218 -10.59 -12.24 15.18
N VAL B 219 -11.38 -11.92 14.15
CA VAL B 219 -12.71 -11.36 14.33
C VAL B 219 -13.81 -12.34 13.95
N ASP B 220 -13.48 -13.61 13.78
CA ASP B 220 -14.46 -14.68 13.60
C ASP B 220 -15.19 -14.60 12.27
N TYR B 221 -14.52 -14.11 11.23
CA TYR B 221 -15.08 -14.10 9.89
C TYR B 221 -14.71 -15.42 9.21
N GLN B 222 -15.70 -16.29 9.01
CA GLN B 222 -15.44 -17.67 8.63
C GLN B 222 -15.43 -17.90 7.13
N MET B 223 -15.92 -16.96 6.33
CA MET B 223 -16.02 -17.16 4.88
C MET B 223 -14.75 -16.68 4.18
N TYR B 224 -13.60 -17.16 4.65
CA TYR B 224 -12.29 -16.76 4.16
C TYR B 224 -11.84 -17.67 3.02
N ASP B 225 -10.67 -17.36 2.46
CA ASP B 225 -10.23 -18.04 1.24
C ASP B 225 -8.70 -18.08 1.22
N TYR B 226 -8.13 -18.31 0.04
CA TYR B 226 -6.69 -18.45 -0.10
C TYR B 226 -5.95 -17.21 0.39
N SER B 227 -6.62 -16.06 0.35
CA SER B 227 -5.98 -14.81 0.75
C SER B 227 -5.54 -14.85 2.21
N LEU B 228 -6.06 -15.78 2.99
CA LEU B 228 -5.55 -15.98 4.34
C LEU B 228 -4.04 -16.27 4.32
N ASP B 229 -3.61 -17.16 3.41
CA ASP B 229 -2.20 -17.50 3.31
C ASP B 229 -1.37 -16.28 2.91
N MET B 230 -1.93 -15.36 2.13
CA MET B 230 -1.19 -14.18 1.73
C MET B 230 -0.97 -13.23 2.90
N TRP B 231 -1.93 -13.14 3.83
CA TRP B 231 -1.66 -12.40 5.06
C TRP B 231 -0.45 -13.00 5.77
N SER B 232 -0.46 -14.32 5.95
CA SER B 232 0.65 -15.00 6.61
C SER B 232 1.98 -14.75 5.91
N LEU B 233 1.98 -14.73 4.57
N LEU B 233 1.98 -14.83 4.57
CA LEU B 233 3.23 -14.49 3.85
CA LEU B 233 3.19 -14.47 3.82
C LEU B 233 3.69 -13.05 3.98
C LEU B 233 3.65 -13.08 4.19
N GLY B 234 2.76 -12.10 4.10
CA GLY B 234 3.16 -10.72 4.38
C GLY B 234 3.75 -10.57 5.76
N CYS B 235 3.25 -11.34 6.73
CA CYS B 235 3.82 -11.33 8.06
C CYS B 235 5.27 -11.81 8.04
N MET B 236 5.55 -12.83 7.23
CA MET B 236 6.92 -13.32 7.11
C MET B 236 7.80 -12.30 6.42
N LEU B 237 7.33 -11.73 5.31
CA LEU B 237 8.10 -10.71 4.61
C LEU B 237 8.46 -9.57 5.56
N ALA B 238 7.46 -9.07 6.30
CA ALA B 238 7.71 -7.96 7.21
C ALA B 238 8.80 -8.29 8.22
N SER B 239 8.74 -9.50 8.80
CA SER B 239 9.73 -9.86 9.82
C SER B 239 11.12 -10.03 9.21
N MET B 240 11.19 -10.45 7.96
CA MET B 240 12.49 -10.66 7.32
C MET B 240 13.15 -9.34 6.95
N ILE B 241 12.39 -8.39 6.41
CA ILE B 241 13.00 -7.14 5.99
C ILE B 241 13.18 -6.18 7.17
N PHE B 242 12.27 -6.19 8.14
CA PHE B 242 12.39 -5.28 9.28
C PHE B 242 13.17 -5.88 10.44
N ARG B 243 13.30 -7.20 10.50
CA ARG B 243 13.98 -7.92 11.56
C ARG B 243 13.27 -7.83 12.91
N ARG B 244 12.03 -7.38 12.93
CA ARG B 244 11.15 -7.54 14.09
C ARG B 244 10.42 -8.86 13.92
N GLU B 245 10.83 -9.88 14.67
CA GLU B 245 10.33 -11.24 14.47
C GLU B 245 9.79 -11.77 15.79
N PRO B 246 8.51 -12.18 15.85
CA PRO B 246 7.45 -12.03 14.84
C PRO B 246 7.14 -10.56 14.66
N PHE B 247 6.60 -10.13 13.52
CA PHE B 247 6.32 -8.72 13.34
C PHE B 247 5.15 -8.28 14.22
N PHE B 248 4.08 -9.06 14.24
CA PHE B 248 2.90 -8.81 15.09
C PHE B 248 2.94 -9.81 16.23
N HIS B 249 3.39 -9.38 17.41
CA HIS B 249 3.67 -10.27 18.53
C HIS B 249 2.59 -10.14 19.59
N GLY B 250 1.47 -10.82 19.37
CA GLY B 250 0.40 -10.81 20.35
C GLY B 250 0.66 -11.77 21.49
N GLN B 251 0.16 -11.42 22.67
CA GLN B 251 0.22 -12.31 23.83
C GLN B 251 -0.96 -13.25 23.89
N ASP B 252 -2.01 -12.98 23.13
CA ASP B 252 -3.17 -13.84 22.97
C ASP B 252 -3.92 -13.34 21.74
N ASN B 253 -5.03 -14.00 21.41
CA ASN B 253 -5.71 -13.69 20.16
C ASN B 253 -6.31 -12.29 20.17
N TYR B 254 -6.68 -11.77 21.34
CA TYR B 254 -7.17 -10.40 21.41
C TYR B 254 -6.04 -9.41 21.13
N ASP B 255 -4.96 -9.50 21.91
CA ASP B 255 -3.84 -8.59 21.72
C ASP B 255 -3.24 -8.71 20.33
N GLN B 256 -3.35 -9.87 19.71
CA GLN B 256 -2.87 -10.03 18.34
C GLN B 256 -3.52 -9.00 17.42
N LEU B 257 -4.84 -8.84 17.53
CA LEU B 257 -5.53 -7.85 16.70
C LEU B 257 -5.10 -6.43 17.07
N VAL B 258 -4.84 -6.17 18.35
CA VAL B 258 -4.40 -4.85 18.77
C VAL B 258 -3.05 -4.53 18.13
N ARG B 259 -2.14 -5.51 18.09
CA ARG B 259 -0.84 -5.29 17.47
C ARG B 259 -1.01 -4.91 15.99
N ILE B 260 -1.91 -5.59 15.30
CA ILE B 260 -2.17 -5.27 13.89
C ILE B 260 -2.73 -3.86 13.77
N ALA B 261 -3.73 -3.54 14.61
CA ALA B 261 -4.39 -2.24 14.52
C ALA B 261 -3.42 -1.10 14.80
N LYS B 262 -2.39 -1.34 15.62
CA LYS B 262 -1.42 -0.29 15.90
C LYS B 262 -0.64 0.10 14.65
N VAL B 263 -0.63 -0.75 13.63
CA VAL B 263 0.08 -0.51 12.39
C VAL B 263 -0.87 -0.09 11.28
N LEU B 264 -1.90 -0.89 11.04
CA LEU B 264 -2.82 -0.64 9.93
C LEU B 264 -3.90 0.38 10.28
N GLY B 265 -4.09 0.69 11.55
CA GLY B 265 -5.01 1.74 11.94
C GLY B 265 -6.38 1.19 12.32
N THR B 266 -7.06 1.90 13.22
CA THR B 266 -8.34 1.43 13.74
C THR B 266 -9.51 1.85 12.86
N GLU B 267 -9.53 3.07 12.33
CA GLU B 267 -10.59 3.45 11.41
C GLU B 267 -10.57 2.56 10.18
N GLU B 268 -9.40 2.08 9.78
CA GLU B 268 -9.32 1.12 8.68
C GLU B 268 -9.92 -0.22 9.09
N LEU B 269 -9.76 -0.59 10.36
CA LEU B 269 -10.34 -1.83 10.85
C LEU B 269 -11.87 -1.75 10.90
N TYR B 270 -12.41 -0.63 11.37
CA TYR B 270 -13.86 -0.52 11.46
C TYR B 270 -14.51 -0.47 10.08
N GLY B 271 -13.82 0.11 9.09
CA GLY B 271 -14.35 0.07 7.73
C GLY B 271 -14.43 -1.34 7.19
N TYR B 272 -13.43 -2.17 7.50
CA TYR B 272 -13.45 -3.57 7.10
C TYR B 272 -14.56 -4.33 7.80
N LEU B 273 -14.67 -4.18 9.13
CA LEU B 273 -15.75 -4.83 9.85
C LEU B 273 -17.11 -4.39 9.31
N LYS B 274 -17.26 -3.10 8.99
CA LYS B 274 -18.52 -2.60 8.48
C LYS B 274 -18.84 -3.19 7.10
N LYS B 275 -17.82 -3.43 6.28
CA LYS B 275 -18.08 -3.95 4.94
C LYS B 275 -18.60 -5.37 4.98
N TYR B 276 -18.07 -6.19 5.87
CA TYR B 276 -18.45 -7.60 5.95
C TYR B 276 -19.43 -7.88 7.07
N HIS B 277 -20.01 -6.84 7.67
CA HIS B 277 -21.03 -7.01 8.71
C HIS B 277 -20.48 -7.77 9.91
N ILE B 278 -19.28 -7.41 10.34
CA ILE B 278 -18.62 -8.06 11.46
C ILE B 278 -18.83 -7.21 12.70
N ASP B 279 -19.29 -7.84 13.78
CA ASP B 279 -19.47 -7.19 15.07
C ASP B 279 -18.45 -7.76 16.05
N LEU B 280 -17.76 -6.87 16.74
CA LEU B 280 -16.64 -7.27 17.58
C LEU B 280 -17.13 -7.79 18.93
N ASP B 281 -16.46 -8.84 19.41
CA ASP B 281 -16.42 -9.24 20.80
C ASP B 281 -16.34 -7.99 21.66
N PRO B 282 -17.15 -7.90 22.72
CA PRO B 282 -17.13 -6.67 23.54
C PRO B 282 -15.82 -6.41 24.24
N HIS B 283 -14.98 -7.44 24.40
CA HIS B 283 -13.70 -7.22 25.08
C HIS B 283 -12.81 -6.27 24.31
N PHE B 284 -12.96 -6.22 23.00
CA PHE B 284 -12.09 -5.38 22.18
C PHE B 284 -12.32 -3.90 22.47
N ASN B 285 -13.51 -3.53 22.92
CA ASN B 285 -13.80 -2.11 23.13
C ASN B 285 -12.83 -1.48 24.10
N ASP B 286 -12.26 -2.25 25.02
N ASP B 286 -12.25 -2.26 25.02
CA ASP B 286 -11.42 -1.71 26.07
CA ASP B 286 -11.43 -1.73 26.10
C ASP B 286 -9.94 -1.70 25.73
C ASP B 286 -9.94 -2.00 25.88
N ILE B 287 -9.53 -2.40 24.68
CA ILE B 287 -8.11 -2.60 24.40
C ILE B 287 -7.66 -2.07 23.05
N LEU B 288 -8.59 -1.83 22.12
CA LEU B 288 -8.19 -1.46 20.77
C LEU B 288 -7.68 -0.03 20.70
N GLY B 289 -8.38 0.90 21.33
CA GLY B 289 -7.96 2.29 21.28
C GLY B 289 -8.14 2.92 19.91
N GLN B 290 -7.39 4.00 19.69
N GLN B 290 -7.40 4.00 19.69
CA GLN B 290 -7.39 4.71 18.42
CA GLN B 290 -7.39 4.71 18.42
C GLN B 290 -5.97 4.82 17.90
C GLN B 290 -5.96 4.78 17.91
N HIS B 291 -5.76 4.38 16.66
CA HIS B 291 -4.44 4.39 16.04
C HIS B 291 -4.58 4.77 14.58
N SER B 292 -3.76 5.70 14.13
CA SER B 292 -3.71 6.05 12.71
C SER B 292 -2.94 4.97 11.94
N ARG B 293 -3.26 4.84 10.65
CA ARG B 293 -2.48 3.97 9.79
C ARG B 293 -1.05 4.49 9.72
N LYS B 294 -0.09 3.62 10.00
CA LYS B 294 1.31 4.01 10.00
C LYS B 294 1.93 3.80 8.62
N ARG B 295 2.77 4.75 8.22
CA ARG B 295 3.59 4.55 7.04
C ARG B 295 4.61 3.45 7.31
N TRP B 296 4.80 2.55 6.34
CA TRP B 296 5.74 1.45 6.52
C TRP B 296 7.17 1.96 6.72
N GLU B 297 7.50 3.15 6.23
CA GLU B 297 8.84 3.70 6.45
C GLU B 297 9.13 3.92 7.93
N ASN B 298 8.11 4.03 8.76
CA ASN B 298 8.32 4.25 10.20
C ASN B 298 9.09 3.10 10.84
N PHE B 299 9.09 1.92 10.23
CA PHE B 299 9.74 0.75 10.83
C PHE B 299 11.18 0.58 10.40
N ILE B 300 11.69 1.48 9.56
CA ILE B 300 13.07 1.42 9.12
C ILE B 300 13.96 2.06 10.18
N HIS B 301 15.05 1.37 10.54
CA HIS B 301 16.11 1.96 11.35
C HIS B 301 17.44 1.39 10.86
N SER B 302 18.52 1.71 11.57
CA SER B 302 19.85 1.39 11.08
C SER B 302 20.11 -0.12 11.01
N GLU B 303 19.36 -0.92 11.76
CA GLU B 303 19.60 -2.36 11.82
C GLU B 303 18.89 -3.12 10.71
N ASN B 304 17.94 -2.51 10.00
CA ASN B 304 17.25 -3.17 8.91
C ASN B 304 17.29 -2.39 7.60
N ARG B 305 17.93 -1.21 7.56
CA ARG B 305 17.89 -0.40 6.36
C ARG B 305 18.42 -1.15 5.14
N HIS B 306 19.43 -2.00 5.35
CA HIS B 306 20.04 -2.75 4.26
C HIS B 306 19.13 -3.84 3.70
N LEU B 307 17.98 -4.09 4.30
CA LEU B 307 17.03 -5.06 3.78
C LEU B 307 15.78 -4.43 3.22
N VAL B 308 15.54 -3.16 3.49
CA VAL B 308 14.32 -2.46 3.09
C VAL B 308 14.60 -1.72 1.79
N SER B 309 13.61 -1.71 0.91
CA SER B 309 13.65 -0.96 -0.34
C SER B 309 12.26 -0.36 -0.54
N PRO B 310 12.15 0.69 -1.36
CA PRO B 310 10.80 1.17 -1.71
C PRO B 310 9.93 0.06 -2.27
N GLU B 311 10.52 -0.83 -3.08
CA GLU B 311 9.74 -1.90 -3.69
C GLU B 311 9.28 -2.91 -2.64
N ALA B 312 10.12 -3.19 -1.64
CA ALA B 312 9.71 -4.11 -0.57
C ALA B 312 8.51 -3.56 0.18
N LEU B 313 8.51 -2.25 0.45
CA LEU B 313 7.41 -1.66 1.22
C LEU B 313 6.15 -1.53 0.38
N ASP B 314 6.29 -1.28 -0.93
CA ASP B 314 5.11 -1.28 -1.79
C ASP B 314 4.42 -2.63 -1.75
N LEU B 315 5.18 -3.72 -1.89
CA LEU B 315 4.59 -5.05 -1.86
C LEU B 315 3.99 -5.36 -0.51
N LEU B 316 4.73 -5.07 0.57
CA LEU B 316 4.22 -5.35 1.91
C LEU B 316 2.89 -4.63 2.14
N ASP B 317 2.82 -3.35 1.77
CA ASP B 317 1.58 -2.61 1.92
C ASP B 317 0.40 -3.31 1.25
N LYS B 318 0.65 -3.98 0.13
CA LYS B 318 -0.41 -4.61 -0.63
C LYS B 318 -0.73 -6.03 -0.18
N LEU B 319 0.02 -6.57 0.78
CA LEU B 319 -0.28 -7.87 1.36
C LEU B 319 -0.92 -7.77 2.73
N LEU B 320 -0.41 -6.89 3.59
CA LEU B 320 -0.94 -6.72 4.94
C LEU B 320 -2.05 -5.67 4.89
N ARG B 321 -3.23 -6.14 4.50
CA ARG B 321 -4.44 -5.33 4.47
C ARG B 321 -5.54 -6.09 5.17
N TYR B 322 -6.39 -5.37 5.92
CA TYR B 322 -7.49 -6.02 6.60
C TYR B 322 -8.36 -6.77 5.61
N ASP B 323 -8.76 -6.11 4.53
CA ASP B 323 -9.72 -6.67 3.59
C ASP B 323 -9.05 -7.78 2.81
N HIS B 324 -9.39 -9.02 3.15
CA HIS B 324 -8.78 -10.17 2.48
C HIS B 324 -8.97 -10.11 0.98
N GLN B 325 -10.10 -9.57 0.52
CA GLN B 325 -10.38 -9.51 -0.91
C GLN B 325 -9.45 -8.54 -1.62
N GLN B 326 -8.84 -7.60 -0.90
CA GLN B 326 -7.98 -6.61 -1.53
C GLN B 326 -6.51 -6.98 -1.55
N ARG B 327 -6.10 -7.94 -0.71
CA ARG B 327 -4.71 -8.38 -0.72
C ARG B 327 -4.35 -8.95 -2.08
N LEU B 328 -3.08 -8.84 -2.44
CA LEU B 328 -2.65 -9.43 -3.70
C LEU B 328 -2.78 -10.95 -3.64
N THR B 329 -3.12 -11.54 -4.78
CA THR B 329 -3.03 -12.98 -4.91
C THR B 329 -1.56 -13.40 -4.99
N ALA B 330 -1.32 -14.69 -4.85
CA ALA B 330 0.05 -15.19 -4.99
C ALA B 330 0.63 -14.81 -6.35
N LYS B 331 -0.15 -15.01 -7.42
CA LYS B 331 0.34 -14.69 -8.76
C LYS B 331 0.60 -13.20 -8.93
N GLU B 332 -0.30 -12.36 -8.38
CA GLU B 332 -0.09 -10.92 -8.43
C GLU B 332 1.19 -10.52 -7.70
N ALA B 333 1.38 -11.06 -6.49
CA ALA B 333 2.61 -10.80 -5.75
C ALA B 333 3.84 -11.19 -6.57
N MET B 334 3.76 -12.30 -7.29
CA MET B 334 4.90 -12.75 -8.07
C MET B 334 5.28 -11.77 -9.18
N GLU B 335 4.33 -10.93 -9.62
CA GLU B 335 4.59 -9.96 -10.67
C GLU B 335 5.15 -8.65 -10.14
N HIS B 336 5.33 -8.52 -8.83
CA HIS B 336 5.70 -7.24 -8.24
C HIS B 336 7.16 -6.91 -8.54
N PRO B 337 7.50 -5.63 -8.74
CA PRO B 337 8.92 -5.29 -9.01
C PRO B 337 9.88 -5.74 -7.94
N TYR B 338 9.40 -6.01 -6.71
CA TYR B 338 10.29 -6.48 -5.66
C TYR B 338 11.02 -7.75 -6.07
N PHE B 339 10.42 -8.55 -6.95
CA PHE B 339 11.02 -9.82 -7.35
C PHE B 339 11.72 -9.75 -8.70
N TYR B 340 11.78 -8.57 -9.31
CA TYR B 340 12.49 -8.44 -10.59
C TYR B 340 13.89 -9.03 -10.55
N PRO B 341 14.68 -8.82 -9.49
CA PRO B 341 16.03 -9.44 -9.46
C PRO B 341 15.98 -10.96 -9.48
N VAL B 342 14.89 -11.55 -9.01
CA VAL B 342 14.77 -13.00 -8.93
C VAL B 342 14.26 -13.60 -10.24
N VAL B 343 13.33 -12.90 -10.90
CA VAL B 343 12.72 -13.45 -12.10
C VAL B 343 13.73 -13.52 -13.25
N LYS B 344 14.66 -12.56 -13.30
CA LYS B 344 15.56 -12.49 -14.45
C LYS B 344 16.69 -13.49 -14.35
N GLU B 345 17.22 -13.72 -13.14
CA GLU B 345 18.31 -14.66 -12.99
C GLU B 345 17.86 -16.10 -13.23
N GLN B 346 16.61 -16.42 -12.90
CA GLN B 346 16.11 -17.77 -13.12
C GLN B 346 15.91 -18.06 -14.60
N SER B 347 15.68 -17.02 -15.41
CA SER B 347 15.48 -17.20 -16.83
C SER B 347 16.69 -17.85 -17.48
#